data_6HXS
#
_entry.id   6HXS
#
_cell.length_a   147.890
_cell.length_b   147.890
_cell.length_c   100.210
_cell.angle_alpha   90.00
_cell.angle_beta   90.00
_cell.angle_gamma   90.00
#
_symmetry.space_group_name_H-M   'P 43 21 2'
#
loop_
_entity.id
_entity.type
_entity.pdbx_description
1 polymer 'Mono [ADP-ribose] polymerase PARP16'
2 non-polymer CARBA-NICOTINAMIDE-ADENINE-DINUCLEOTIDE
3 non-polymer 'SULFATE ION'
4 non-polymer GLYCEROL
5 non-polymer ADENOSINE
6 water water
#
_entity_poly.entity_id   1
_entity_poly.type   'polypeptide(L)'
_entity_poly.pdbx_seq_one_letter_code
;MHHHHHHSSGVDLGTENLYFQSMGWAAAREAAGRDMLAADLRCSLFASALQSYKRDSVLRPFPASYARGDCKDFEALLAD
ASKLPNLKELLQSSGDNHKRAWDLVSWILSSKVLTIHSAGKAEFEKIQKLTGAPHTPVPAPDFLFEIEYFDPANAKFYET
KGERDLIYAFHGSRLENFHSIIHNGLHCHLNKTSLFGEGTYLTSDLSLALIYSPHGHGWQHSLLGPILSCVAVCEVIDHP
DVKCQTKKKDSKEIDRRRARIKHSEGGDIPPKYFVVTNNQLLRVKYLLVYSQKPPKRA
;
_entity_poly.pdbx_strand_id   A,B,C
#
loop_
_chem_comp.id
_chem_comp.type
_chem_comp.name
_chem_comp.formula
ADN non-polymer ADENOSINE 'C10 H13 N5 O4'
CNA non-polymer CARBA-NICOTINAMIDE-ADENINE-DINUCLEOTIDE 'C22 H30 N7 O13 P2 1'
GOL non-polymer GLYCEROL 'C3 H8 O3'
SO4 non-polymer 'SULFATE ION' 'O4 S -2'
#
# COMPACT_ATOMS: atom_id res chain seq x y z
N SER A 22 1.43 10.34 27.93
CA SER A 22 2.00 10.18 26.60
C SER A 22 3.56 10.13 26.70
N MET A 23 4.25 9.86 25.57
CA MET A 23 5.72 9.83 25.50
C MET A 23 6.35 11.18 25.87
N GLY A 24 7.57 11.13 26.40
CA GLY A 24 8.35 12.35 26.62
C GLY A 24 8.91 12.81 25.27
N TRP A 25 9.57 13.96 25.25
CA TRP A 25 10.12 14.53 24.01
C TRP A 25 11.23 13.67 23.39
N ALA A 26 12.18 13.20 24.21
CA ALA A 26 13.31 12.39 23.75
C ALA A 26 12.81 11.09 23.12
N ALA A 27 11.83 10.44 23.76
CA ALA A 27 11.21 9.21 23.26
C ALA A 27 10.46 9.48 21.96
N ALA A 28 9.76 10.63 21.85
CA ALA A 28 8.99 10.98 20.65
C ALA A 28 9.93 11.29 19.50
N ARG A 29 11.07 11.94 19.80
CA ARG A 29 12.05 12.27 18.78
C ARG A 29 12.59 10.96 18.14
N GLU A 30 12.89 9.95 18.99
CA GLU A 30 13.37 8.65 18.54
C GLU A 30 12.27 7.93 17.72
N ALA A 31 11.00 7.94 18.22
CA ALA A 31 9.88 7.29 17.51
C ALA A 31 9.64 7.94 16.13
N ALA A 32 9.68 9.30 16.05
CA ALA A 32 9.48 10.02 14.77
C ALA A 32 10.63 9.73 13.80
N GLY A 33 11.88 9.80 14.29
CA GLY A 33 13.08 9.55 13.49
C GLY A 33 13.12 8.16 12.89
N ARG A 34 12.50 7.16 13.58
CA ARG A 34 12.49 5.77 13.07
C ARG A 34 11.65 5.65 11.80
N ASP A 35 10.57 6.45 11.69
CA ASP A 35 9.66 6.39 10.53
C ASP A 35 9.00 7.74 10.37
N MET A 36 9.72 8.65 9.71
CA MET A 36 9.31 10.04 9.50
C MET A 36 7.99 10.16 8.73
N LEU A 37 7.78 9.32 7.70
CA LEU A 37 6.54 9.37 6.90
C LEU A 37 5.33 8.90 7.70
N ALA A 38 5.48 7.90 8.57
CA ALA A 38 4.36 7.43 9.41
C ALA A 38 4.04 8.47 10.49
N ALA A 39 5.10 9.12 11.06
CA ALA A 39 4.87 10.19 12.05
C ALA A 39 4.14 11.38 11.38
N ASP A 40 4.57 11.70 10.13
CA ASP A 40 3.97 12.76 9.34
C ASP A 40 2.50 12.44 9.03
N LEU A 41 2.20 11.19 8.61
CA LEU A 41 0.81 10.78 8.35
C LEU A 41 -0.10 11.06 9.59
N ARG A 42 0.39 10.70 10.79
CA ARG A 42 -0.37 10.89 12.04
C ARG A 42 -0.60 12.37 12.35
N CYS A 43 0.40 13.24 12.09
CA CYS A 43 0.27 14.70 12.24
C CYS A 43 -0.72 15.25 11.22
N SER A 44 -0.70 14.68 9.98
CA SER A 44 -1.58 15.11 8.88
C SER A 44 -3.03 14.76 9.16
N LEU A 45 -3.30 13.53 9.68
CA LEU A 45 -4.65 13.08 10.00
C LEU A 45 -5.18 13.84 11.20
N PHE A 46 -4.30 14.14 12.16
CA PHE A 46 -4.65 14.98 13.33
C PHE A 46 -5.08 16.37 12.82
N ALA A 47 -4.28 16.97 11.90
CA ALA A 47 -4.57 18.29 11.35
C ALA A 47 -5.87 18.27 10.54
N SER A 48 -6.12 17.20 9.76
CA SER A 48 -7.36 17.09 8.98
C SER A 48 -8.59 17.09 9.90
N ALA A 49 -8.57 16.24 10.96
CA ALA A 49 -9.67 16.11 11.92
C ALA A 49 -9.89 17.42 12.68
N LEU A 50 -8.79 18.07 13.11
CA LEU A 50 -8.87 19.32 13.85
C LEU A 50 -9.43 20.50 13.00
N GLN A 51 -9.00 20.60 11.74
CA GLN A 51 -9.40 21.71 10.84
C GLN A 51 -10.85 21.58 10.37
N SER A 52 -11.37 20.36 10.27
CA SER A 52 -12.74 20.12 9.83
C SER A 52 -13.75 20.79 10.75
N TYR A 53 -14.87 21.28 10.19
CA TYR A 53 -15.97 21.88 10.97
C TYR A 53 -16.53 20.78 11.93
N LYS A 54 -16.27 19.49 11.61
CA LYS A 54 -16.71 18.34 12.42
C LYS A 54 -15.75 17.99 13.57
N ARG A 55 -14.72 18.83 13.84
CA ARG A 55 -13.69 18.57 14.88
C ARG A 55 -14.26 18.06 16.22
N ASP A 56 -15.40 18.60 16.67
CA ASP A 56 -16.03 18.18 17.92
C ASP A 56 -16.26 16.66 17.97
N SER A 57 -16.73 16.09 16.87
CA SER A 57 -16.99 14.65 16.83
C SER A 57 -15.84 13.84 16.26
N VAL A 58 -15.05 14.37 15.28
CA VAL A 58 -14.00 13.56 14.62
C VAL A 58 -12.62 13.69 15.32
N LEU A 59 -12.34 14.76 16.08
CA LEU A 59 -11.05 14.81 16.74
C LEU A 59 -11.15 14.08 18.08
N ARG A 60 -11.21 12.75 17.98
CA ARG A 60 -11.33 11.83 19.10
C ARG A 60 -10.40 10.69 18.78
N PRO A 61 -9.37 10.41 19.62
CA PRO A 61 -9.05 11.05 20.90
C PRO A 61 -8.62 12.51 20.77
N PHE A 62 -8.92 13.27 21.82
CA PHE A 62 -8.64 14.70 21.95
C PHE A 62 -7.52 14.88 22.99
N PRO A 63 -6.52 15.78 22.80
CA PRO A 63 -5.45 15.93 23.81
C PRO A 63 -5.99 16.63 25.08
N ALA A 64 -5.98 15.90 26.22
CA ALA A 64 -6.54 16.36 27.50
C ALA A 64 -5.95 17.70 27.99
N SER A 65 -4.70 18.05 27.59
CA SER A 65 -4.10 19.32 28.01
C SER A 65 -4.85 20.55 27.38
N TYR A 66 -5.69 20.33 26.35
CA TYR A 66 -6.48 21.39 25.70
C TYR A 66 -7.95 21.35 26.14
N ALA A 67 -8.24 20.58 27.18
CA ALA A 67 -9.59 20.50 27.71
C ALA A 67 -9.63 20.95 29.18
N ARG A 68 -10.72 21.59 29.59
CA ARG A 68 -10.98 21.94 30.98
C ARG A 68 -12.22 21.12 31.35
N GLY A 69 -12.02 19.89 31.81
CA GLY A 69 -13.11 18.96 32.09
C GLY A 69 -13.82 18.58 30.80
N ASP A 70 -15.11 18.90 30.67
CA ASP A 70 -15.90 18.63 29.45
C ASP A 70 -15.67 19.69 28.36
N CYS A 71 -15.07 20.85 28.72
CA CYS A 71 -14.90 21.97 27.78
C CYS A 71 -13.61 21.84 26.98
N LYS A 72 -13.73 21.49 25.71
CA LYS A 72 -12.61 21.35 24.76
C LYS A 72 -12.27 22.72 24.20
N ASP A 73 -11.01 23.15 24.34
CA ASP A 73 -10.62 24.47 23.87
C ASP A 73 -10.03 24.32 22.44
N PHE A 74 -10.92 24.25 21.43
CA PHE A 74 -10.51 24.07 20.04
C PHE A 74 -9.77 25.29 19.47
N GLU A 75 -10.11 26.52 19.93
CA GLU A 75 -9.40 27.72 19.44
C GLU A 75 -7.92 27.66 19.87
N ALA A 76 -7.64 27.34 21.15
CA ALA A 76 -6.25 27.20 21.65
C ALA A 76 -5.53 26.04 20.92
N LEU A 77 -6.24 24.94 20.67
CA LEU A 77 -5.66 23.78 19.97
C LEU A 77 -5.32 24.11 18.50
N LEU A 78 -6.26 24.76 17.78
CA LEU A 78 -6.04 25.18 16.40
C LEU A 78 -4.87 26.16 16.34
N ALA A 79 -4.85 27.11 17.30
CA ALA A 79 -3.77 28.11 17.39
C ALA A 79 -2.39 27.42 17.59
N ASP A 80 -2.29 26.40 18.47
CA ASP A 80 -1.03 25.67 18.69
C ASP A 80 -0.69 24.71 17.56
N ALA A 81 -1.67 24.06 16.93
CA ALA A 81 -1.34 23.19 15.79
C ALA A 81 -0.75 24.01 14.61
N SER A 82 -1.15 25.28 14.48
CA SER A 82 -0.65 26.14 13.39
C SER A 82 0.81 26.58 13.67
N LYS A 83 1.32 26.32 14.89
CA LYS A 83 2.70 26.62 15.26
C LYS A 83 3.67 25.46 15.01
N LEU A 84 3.14 24.27 14.65
CA LEU A 84 3.99 23.11 14.38
C LEU A 84 4.85 23.33 13.14
N PRO A 85 6.20 23.21 13.24
CA PRO A 85 7.00 23.29 12.00
C PRO A 85 6.96 21.92 11.31
N ASN A 86 7.54 21.81 10.11
CA ASN A 86 7.61 20.49 9.48
C ASN A 86 8.45 19.57 10.41
N LEU A 87 8.25 18.26 10.32
CA LEU A 87 8.93 17.31 11.22
C LEU A 87 10.44 17.35 11.10
N LYS A 88 11.01 17.54 9.90
CA LYS A 88 12.47 17.61 9.72
C LYS A 88 13.02 18.77 10.52
N GLU A 89 12.38 19.97 10.44
CA GLU A 89 12.81 21.15 11.21
C GLU A 89 12.59 20.92 12.69
N LEU A 90 11.47 20.30 13.08
CA LEU A 90 11.20 20.02 14.49
C LEU A 90 12.32 19.14 15.08
N LEU A 91 12.78 18.12 14.32
CA LEU A 91 13.85 17.23 14.73
C LEU A 91 15.26 17.88 14.61
N GLN A 92 15.52 18.65 13.53
CA GLN A 92 16.79 19.35 13.27
C GLN A 92 17.12 20.42 14.33
N SER A 93 16.11 20.87 15.07
CA SER A 93 16.25 21.89 16.11
C SER A 93 16.15 21.25 17.49
N SER A 94 16.59 21.99 18.53
CA SER A 94 16.53 21.55 19.93
C SER A 94 15.06 21.55 20.43
N GLY A 95 14.82 20.88 21.56
CA GLY A 95 13.49 20.75 22.17
C GLY A 95 12.81 22.01 22.65
N ASP A 96 13.54 22.84 23.45
CA ASP A 96 12.99 24.07 24.03
C ASP A 96 12.77 25.23 23.01
N ASN A 97 12.98 24.96 21.70
CA ASN A 97 12.74 25.92 20.62
C ASN A 97 11.26 25.88 20.20
N HIS A 98 10.64 24.69 20.30
CA HIS A 98 9.26 24.41 19.92
C HIS A 98 8.57 23.58 21.03
N LYS A 99 8.40 24.19 22.24
CA LYS A 99 7.83 23.54 23.42
C LYS A 99 6.39 23.00 23.20
N ARG A 100 5.43 23.87 22.84
CA ARG A 100 4.03 23.44 22.66
C ARG A 100 3.92 22.46 21.51
N ALA A 101 4.78 22.63 20.49
CA ALA A 101 4.88 21.78 19.32
C ALA A 101 5.31 20.37 19.74
N TRP A 102 6.37 20.24 20.55
CA TRP A 102 6.87 18.96 21.05
C TRP A 102 5.83 18.26 21.92
N ASP A 103 5.12 19.00 22.79
CA ASP A 103 4.07 18.41 23.66
C ASP A 103 2.94 17.81 22.83
N LEU A 104 2.56 18.50 21.74
CA LEU A 104 1.48 18.08 20.86
C LEU A 104 1.92 16.89 20.00
N VAL A 105 3.09 16.97 19.35
CA VAL A 105 3.63 15.88 18.51
C VAL A 105 3.85 14.63 19.38
N SER A 106 4.35 14.77 20.63
CA SER A 106 4.55 13.60 21.52
C SER A 106 3.22 12.91 21.78
N TRP A 107 2.14 13.68 22.04
CA TRP A 107 0.79 13.12 22.26
C TRP A 107 0.29 12.42 20.96
N ILE A 108 0.43 13.09 19.78
CA ILE A 108 -0.02 12.55 18.48
C ILE A 108 0.62 11.17 18.21
N LEU A 109 1.91 11.01 18.54
CA LEU A 109 2.64 9.75 18.26
C LEU A 109 2.54 8.72 19.39
N SER A 110 1.81 9.03 20.44
CA SER A 110 1.70 8.09 21.53
C SER A 110 0.47 7.24 21.40
N SER A 111 0.65 5.96 21.63
CA SER A 111 -0.43 4.99 21.71
C SER A 111 0.12 3.72 22.30
N LYS A 112 -0.62 3.12 23.24
CA LYS A 112 -0.24 1.83 23.85
C LYS A 112 -0.96 0.69 23.12
N VAL A 113 -1.88 1.03 22.21
CA VAL A 113 -2.73 0.09 21.49
C VAL A 113 -2.13 -0.29 20.13
N LEU A 114 -1.58 0.70 19.40
CA LEU A 114 -1.08 0.45 18.06
C LEU A 114 0.06 1.36 17.65
N THR A 115 0.64 1.08 16.49
CA THR A 115 1.63 1.93 15.88
C THR A 115 1.45 1.82 14.34
N ILE A 116 2.00 2.79 13.61
CA ILE A 116 1.87 2.82 12.17
C ILE A 116 3.25 2.76 11.53
N HIS A 117 3.41 1.91 10.51
CA HIS A 117 4.66 1.77 9.76
C HIS A 117 4.46 2.12 8.32
N SER A 118 5.45 2.77 7.71
CA SER A 118 5.53 3.00 6.27
C SER A 118 5.74 1.65 5.61
N ALA A 119 5.03 1.35 4.54
CA ALA A 119 5.18 0.07 3.83
C ALA A 119 5.56 0.34 2.36
N GLY A 120 6.05 -0.71 1.68
CA GLY A 120 6.49 -0.62 0.30
C GLY A 120 5.65 -1.37 -0.73
N LYS A 121 6.18 -1.48 -1.97
CA LYS A 121 5.54 -2.12 -3.12
C LYS A 121 5.30 -3.62 -2.89
N ALA A 122 6.14 -4.29 -2.08
CA ALA A 122 5.98 -5.70 -1.72
C ALA A 122 4.68 -5.91 -0.94
N GLU A 123 4.33 -4.97 -0.03
CA GLU A 123 3.10 -5.03 0.75
C GLU A 123 1.89 -4.61 -0.10
N PHE A 124 2.05 -3.67 -1.07
CA PHE A 124 0.95 -3.26 -1.95
C PHE A 124 0.57 -4.40 -2.92
N GLU A 125 1.59 -5.16 -3.39
CA GLU A 125 1.40 -6.32 -4.28
C GLU A 125 0.64 -7.39 -3.53
N LYS A 126 0.98 -7.59 -2.23
CA LYS A 126 0.34 -8.52 -1.31
C LYS A 126 -1.16 -8.14 -1.13
N ILE A 127 -1.47 -6.83 -0.97
CA ILE A 127 -2.84 -6.31 -0.81
C ILE A 127 -3.66 -6.61 -2.06
N GLN A 128 -3.08 -6.34 -3.26
CA GLN A 128 -3.70 -6.60 -4.56
C GLN A 128 -4.04 -8.09 -4.72
N LYS A 129 -3.14 -8.98 -4.24
CA LYS A 129 -3.32 -10.43 -4.28
C LYS A 129 -4.42 -10.90 -3.33
N LEU A 130 -4.48 -10.32 -2.12
CA LEU A 130 -5.46 -10.68 -1.08
C LEU A 130 -6.85 -10.10 -1.34
N THR A 131 -6.99 -9.11 -2.24
CA THR A 131 -8.28 -8.48 -2.54
C THR A 131 -8.72 -8.76 -3.96
N GLY A 132 -7.80 -9.30 -4.77
CA GLY A 132 -8.07 -9.65 -6.15
C GLY A 132 -7.76 -8.52 -7.10
N ALA A 133 -7.54 -8.86 -8.37
CA ALA A 133 -7.26 -7.93 -9.45
C ALA A 133 -8.46 -6.99 -9.65
N PRO A 134 -8.24 -5.65 -9.73
CA PRO A 134 -9.40 -4.74 -9.87
C PRO A 134 -10.13 -4.95 -11.19
N HIS A 135 -11.47 -4.97 -11.10
CA HIS A 135 -12.42 -5.14 -12.20
C HIS A 135 -12.33 -3.93 -13.16
N THR A 136 -12.09 -2.74 -12.58
CA THR A 136 -12.08 -1.42 -13.18
C THR A 136 -10.70 -0.74 -12.95
N PRO A 137 -10.24 0.21 -13.83
CA PRO A 137 -8.94 0.87 -13.58
C PRO A 137 -8.90 1.67 -12.29
N VAL A 138 -7.79 1.54 -11.54
CA VAL A 138 -7.57 2.20 -10.26
C VAL A 138 -6.17 2.86 -10.22
N PRO A 139 -6.00 3.99 -9.52
CA PRO A 139 -4.64 4.55 -9.38
C PRO A 139 -3.87 3.80 -8.29
N ALA A 140 -2.54 3.80 -8.42
CA ALA A 140 -1.65 3.20 -7.43
C ALA A 140 -1.49 4.23 -6.30
N PRO A 141 -1.50 3.85 -5.01
CA PRO A 141 -1.32 4.85 -3.95
C PRO A 141 0.10 5.46 -3.95
N ASP A 142 0.22 6.70 -3.48
CA ASP A 142 1.52 7.38 -3.38
C ASP A 142 2.28 6.89 -2.15
N PHE A 143 1.55 6.51 -1.09
CA PHE A 143 2.10 5.99 0.16
C PHE A 143 1.19 4.90 0.68
N LEU A 144 1.79 3.93 1.35
CA LEU A 144 1.12 2.81 1.95
C LEU A 144 1.64 2.66 3.37
N PHE A 145 0.70 2.45 4.31
CA PHE A 145 1.04 2.28 5.71
C PHE A 145 0.37 1.06 6.30
N GLU A 146 1.04 0.41 7.23
CA GLU A 146 0.51 -0.74 7.94
C GLU A 146 0.25 -0.37 9.41
N ILE A 147 -0.87 -0.84 9.96
CA ILE A 147 -1.17 -0.63 11.38
C ILE A 147 -0.78 -1.91 12.13
N GLU A 148 0.12 -1.81 13.11
CA GLU A 148 0.51 -2.94 13.96
C GLU A 148 -0.19 -2.76 15.31
N TYR A 149 -0.85 -3.80 15.80
CA TYR A 149 -1.54 -3.73 17.09
C TYR A 149 -0.74 -4.43 18.19
N PHE A 150 -0.81 -3.89 19.41
CA PHE A 150 -0.16 -4.48 20.59
C PHE A 150 -1.20 -5.19 21.46
N ASP A 151 -0.74 -5.98 22.44
CA ASP A 151 -1.64 -6.63 23.39
C ASP A 151 -2.20 -5.59 24.37
N PRO A 152 -3.44 -5.74 24.88
CA PRO A 152 -4.37 -6.88 24.72
C PRO A 152 -5.13 -6.89 23.39
N ALA A 153 -5.21 -5.76 22.64
CA ALA A 153 -5.96 -5.70 21.37
C ALA A 153 -5.51 -6.75 20.33
N ASN A 154 -4.20 -6.92 20.11
CA ASN A 154 -3.70 -7.88 19.13
C ASN A 154 -4.12 -9.32 19.49
N ALA A 155 -3.83 -9.76 20.74
CA ALA A 155 -4.19 -11.10 21.22
C ALA A 155 -5.73 -11.28 21.26
N LYS A 156 -6.49 -10.22 21.56
CA LYS A 156 -7.97 -10.29 21.57
C LYS A 156 -8.50 -10.63 20.16
N PHE A 157 -7.99 -9.93 19.13
CA PHE A 157 -8.38 -10.13 17.73
C PHE A 157 -8.11 -11.58 17.29
N TYR A 158 -6.93 -12.13 17.62
CA TYR A 158 -6.57 -13.51 17.25
C TYR A 158 -7.36 -14.57 18.03
N GLU A 159 -7.78 -14.25 19.28
CA GLU A 159 -8.61 -15.13 20.09
C GLU A 159 -10.01 -15.22 19.43
N THR A 160 -10.53 -14.08 18.93
CA THR A 160 -11.82 -14.03 18.24
C THR A 160 -11.74 -14.80 16.92
N LYS A 161 -10.60 -14.67 16.21
CA LYS A 161 -10.34 -15.34 14.93
C LYS A 161 -10.33 -16.86 15.08
N GLY A 162 -9.54 -17.38 16.03
CA GLY A 162 -9.36 -18.81 16.19
C GLY A 162 -8.72 -19.39 14.95
N GLU A 163 -9.32 -20.44 14.38
CA GLU A 163 -8.85 -21.08 13.15
C GLU A 163 -9.53 -20.50 11.89
N ARG A 164 -10.47 -19.54 12.06
CA ARG A 164 -11.20 -18.91 10.94
C ARG A 164 -10.25 -18.16 9.99
N ASP A 165 -10.64 -18.07 8.72
CA ASP A 165 -9.85 -17.37 7.70
C ASP A 165 -9.99 -15.86 7.84
N LEU A 166 -9.03 -15.13 7.28
CA LEU A 166 -9.08 -13.66 7.24
C LEU A 166 -9.37 -13.22 5.82
N ILE A 167 -10.31 -12.27 5.69
CA ILE A 167 -10.76 -11.62 4.46
C ILE A 167 -10.24 -10.17 4.47
N TYR A 168 -9.80 -9.66 3.33
CA TYR A 168 -9.32 -8.30 3.20
C TYR A 168 -10.31 -7.56 2.32
N ALA A 169 -10.76 -6.40 2.80
CA ALA A 169 -11.74 -5.56 2.11
C ALA A 169 -11.43 -4.08 2.37
N PHE A 170 -12.00 -3.20 1.54
CA PHE A 170 -11.76 -1.77 1.59
C PHE A 170 -12.90 -0.98 2.19
N HIS A 171 -12.54 0.15 2.80
CA HIS A 171 -13.49 1.12 3.33
C HIS A 171 -12.94 2.51 3.05
N GLY A 172 -13.68 3.24 2.23
CA GLY A 172 -13.36 4.61 1.89
C GLY A 172 -14.05 5.53 2.87
N SER A 173 -13.44 6.69 3.12
CA SER A 173 -13.99 7.71 4.01
C SER A 173 -13.33 9.05 3.74
N ARG A 174 -13.95 10.12 4.24
CA ARG A 174 -13.39 11.46 4.19
C ARG A 174 -12.14 11.47 5.07
N LEU A 175 -11.11 12.22 4.64
CA LEU A 175 -9.81 12.30 5.31
C LEU A 175 -9.91 12.66 6.80
N GLU A 176 -10.83 13.57 7.17
CA GLU A 176 -10.98 14.06 8.54
C GLU A 176 -11.51 12.98 9.50
N ASN A 177 -11.91 11.81 8.97
CA ASN A 177 -12.40 10.71 9.82
C ASN A 177 -11.31 9.71 10.21
N PHE A 178 -10.15 9.76 9.54
CA PHE A 178 -9.12 8.70 9.72
C PHE A 178 -8.37 8.73 11.06
N HIS A 179 -8.15 9.92 11.68
CA HIS A 179 -7.55 9.96 13.03
C HIS A 179 -8.44 9.13 14.00
N SER A 180 -9.78 9.31 13.91
CA SER A 180 -10.74 8.59 14.75
C SER A 180 -10.89 7.12 14.32
N ILE A 181 -10.93 6.85 13.00
CA ILE A 181 -11.00 5.47 12.47
C ILE A 181 -9.83 4.63 13.02
N ILE A 182 -8.61 5.16 12.97
CA ILE A 182 -7.42 4.45 13.45
C ILE A 182 -7.48 4.19 14.98
N HIS A 183 -7.73 5.24 15.77
CA HIS A 183 -7.65 5.06 17.22
C HIS A 183 -8.90 4.47 17.86
N ASN A 184 -10.08 4.61 17.24
CA ASN A 184 -11.31 4.05 17.83
C ASN A 184 -11.86 2.85 17.05
N GLY A 185 -11.35 2.62 15.84
CA GLY A 185 -11.86 1.56 14.96
C GLY A 185 -13.07 2.08 14.18
N LEU A 186 -13.46 1.37 13.13
CA LEU A 186 -14.66 1.72 12.36
C LEU A 186 -15.92 1.52 13.21
N HIS A 187 -16.87 2.49 13.13
CA HIS A 187 -18.14 2.44 13.87
C HIS A 187 -19.00 1.28 13.37
N CYS A 188 -19.46 0.40 14.28
CA CYS A 188 -20.35 -0.70 13.91
C CYS A 188 -21.72 -0.42 14.54
N HIS A 189 -22.15 0.84 14.31
CA HIS A 189 -23.36 1.48 14.77
C HIS A 189 -24.59 0.80 14.20
N LEU A 190 -25.26 -0.01 15.03
CA LEU A 190 -26.49 -0.67 14.65
C LEU A 190 -27.62 0.31 14.94
N ASN A 191 -28.16 0.92 13.87
CA ASN A 191 -29.21 1.92 13.93
C ASN A 191 -30.45 1.40 13.19
N LYS A 192 -31.43 0.93 13.97
CA LYS A 192 -32.68 0.36 13.46
C LYS A 192 -33.59 1.41 12.79
N THR A 193 -33.45 2.70 13.18
CA THR A 193 -34.21 3.83 12.62
C THR A 193 -33.38 4.49 11.51
N SER A 194 -32.98 3.73 10.47
CA SER A 194 -32.15 4.26 9.38
C SER A 194 -32.16 3.34 8.14
N LEU A 195 -31.79 3.91 6.98
CA LEU A 195 -31.63 3.18 5.72
C LEU A 195 -30.22 2.59 5.61
N PHE A 196 -29.27 3.04 6.50
CA PHE A 196 -27.86 2.65 6.52
C PHE A 196 -27.31 2.42 7.97
N GLY A 197 -28.03 1.64 8.77
CA GLY A 197 -27.63 1.34 10.15
C GLY A 197 -27.40 -0.13 10.41
N GLU A 198 -26.96 -0.87 9.38
CA GLU A 198 -26.73 -2.30 9.49
C GLU A 198 -25.39 -2.64 10.18
N GLY A 199 -24.42 -1.72 10.12
CA GLY A 199 -23.07 -1.89 10.69
C GLY A 199 -22.00 -1.22 9.83
N THR A 200 -20.82 -1.85 9.71
CA THR A 200 -19.74 -1.30 8.88
C THR A 200 -19.80 -1.86 7.47
N TYR A 201 -19.88 -0.96 6.47
CA TYR A 201 -19.95 -1.30 5.06
C TYR A 201 -18.56 -1.34 4.46
N LEU A 202 -18.21 -2.47 3.85
CA LEU A 202 -16.92 -2.71 3.21
C LEU A 202 -17.13 -3.19 1.79
N THR A 203 -16.09 -3.09 0.95
CA THR A 203 -16.18 -3.59 -0.42
C THR A 203 -14.87 -4.29 -0.80
N SER A 204 -14.97 -5.30 -1.67
CA SER A 204 -13.83 -6.04 -2.20
C SER A 204 -13.15 -5.26 -3.33
N ASP A 205 -13.87 -4.27 -3.88
CA ASP A 205 -13.42 -3.45 -5.00
C ASP A 205 -12.90 -2.08 -4.54
N LEU A 206 -11.60 -1.82 -4.76
CA LEU A 206 -10.93 -0.56 -4.42
C LEU A 206 -11.58 0.62 -5.15
N SER A 207 -12.01 0.42 -6.42
CA SER A 207 -12.65 1.47 -7.21
C SER A 207 -13.96 1.98 -6.58
N LEU A 208 -14.72 1.09 -5.90
CA LEU A 208 -15.96 1.46 -5.21
C LEU A 208 -15.62 2.21 -3.93
N ALA A 209 -14.58 1.77 -3.19
CA ALA A 209 -14.15 2.43 -1.97
C ALA A 209 -13.60 3.83 -2.24
N LEU A 210 -12.85 4.01 -3.36
CA LEU A 210 -12.25 5.31 -3.72
C LEU A 210 -13.29 6.42 -3.92
N ILE A 211 -14.50 6.10 -4.42
CA ILE A 211 -15.50 7.15 -4.60
C ILE A 211 -15.97 7.70 -3.22
N TYR A 212 -15.73 6.95 -2.13
CA TYR A 212 -16.07 7.38 -0.76
C TYR A 212 -14.87 8.02 -0.07
N SER A 213 -13.73 8.17 -0.79
CA SER A 213 -12.53 8.80 -0.24
C SER A 213 -12.16 10.07 -1.03
N PRO A 214 -12.93 11.16 -0.96
CA PRO A 214 -12.52 12.37 -1.68
C PRO A 214 -11.26 12.97 -1.07
N HIS A 215 -10.51 13.73 -1.89
CA HIS A 215 -9.34 14.46 -1.43
C HIS A 215 -9.77 15.47 -0.35
N GLY A 216 -9.01 15.53 0.73
CA GLY A 216 -9.27 16.46 1.82
C GLY A 216 -8.03 17.23 2.19
N HIS A 217 -8.18 18.25 3.02
CA HIS A 217 -7.06 19.06 3.47
C HIS A 217 -6.34 18.37 4.63
N GLY A 218 -5.05 18.14 4.45
CA GLY A 218 -4.20 17.55 5.48
C GLY A 218 -3.43 18.64 6.20
N TRP A 219 -2.11 18.50 6.28
CA TRP A 219 -1.26 19.46 6.98
C TRP A 219 -0.37 20.19 5.97
N GLN A 220 -0.30 21.53 6.07
CA GLN A 220 0.49 22.34 5.16
C GLN A 220 2.00 22.01 5.19
N HIS A 221 2.52 21.58 6.36
CA HIS A 221 3.95 21.27 6.48
C HIS A 221 4.25 19.79 6.29
N SER A 222 3.32 19.03 5.69
CA SER A 222 3.47 17.58 5.54
C SER A 222 4.42 17.19 4.40
N LEU A 223 5.21 16.13 4.64
CA LEU A 223 6.09 15.49 3.66
C LEU A 223 5.26 14.76 2.61
N LEU A 224 3.98 14.45 2.95
CA LEU A 224 3.10 13.73 2.03
C LEU A 224 2.39 14.65 1.05
N GLY A 225 2.37 15.94 1.35
CA GLY A 225 1.64 16.93 0.57
C GLY A 225 0.46 17.43 1.38
N PRO A 226 -0.06 18.62 1.08
CA PRO A 226 -1.17 19.18 1.88
C PRO A 226 -2.56 18.61 1.57
N ILE A 227 -2.76 17.92 0.44
CA ILE A 227 -4.08 17.42 0.05
C ILE A 227 -4.00 15.92 -0.16
N LEU A 228 -4.78 15.17 0.65
CA LEU A 228 -4.73 13.72 0.63
C LEU A 228 -6.09 13.06 0.56
N SER A 229 -6.10 11.85 -0.01
CA SER A 229 -7.22 10.91 0.02
C SER A 229 -6.70 9.65 0.68
N CYS A 230 -7.53 9.05 1.54
CA CYS A 230 -7.12 7.86 2.27
C CYS A 230 -8.18 6.76 2.20
N VAL A 231 -7.75 5.51 1.99
CA VAL A 231 -8.63 4.32 1.95
C VAL A 231 -8.12 3.31 2.97
N ALA A 232 -9.02 2.77 3.81
CA ALA A 232 -8.67 1.73 4.77
C ALA A 232 -8.75 0.35 4.14
N VAL A 233 -7.77 -0.50 4.46
CA VAL A 233 -7.77 -1.90 4.09
C VAL A 233 -8.01 -2.63 5.40
N CYS A 234 -9.15 -3.32 5.52
CA CYS A 234 -9.50 -4.01 6.75
C CYS A 234 -9.26 -5.49 6.66
N GLU A 235 -8.87 -6.05 7.80
CA GLU A 235 -8.67 -7.47 8.04
C GLU A 235 -9.94 -7.91 8.73
N VAL A 236 -10.70 -8.79 8.09
CA VAL A 236 -12.02 -9.24 8.53
C VAL A 236 -12.01 -10.75 8.82
N ILE A 237 -12.48 -11.13 10.01
CA ILE A 237 -12.60 -12.55 10.39
C ILE A 237 -13.81 -13.15 9.65
N ASP A 238 -13.58 -14.25 8.90
CA ASP A 238 -14.63 -14.95 8.15
C ASP A 238 -15.57 -15.65 9.17
N HIS A 239 -16.71 -15.00 9.44
CA HIS A 239 -17.68 -15.40 10.46
C HIS A 239 -19.13 -15.20 9.93
N PRO A 240 -20.15 -15.96 10.42
CA PRO A 240 -21.53 -15.75 9.93
C PRO A 240 -22.09 -14.33 10.07
N ASP A 241 -21.64 -13.55 11.10
CA ASP A 241 -22.04 -12.16 11.36
C ASP A 241 -21.46 -11.16 10.32
N VAL A 242 -20.59 -11.63 9.41
CA VAL A 242 -20.08 -10.82 8.30
C VAL A 242 -21.05 -11.15 7.16
N LYS A 243 -21.93 -10.22 6.79
CA LYS A 243 -22.97 -10.47 5.79
C LYS A 243 -22.59 -10.00 4.38
N CYS A 244 -22.42 -10.98 3.45
CA CYS A 244 -22.08 -10.74 2.05
C CYS A 244 -23.33 -10.34 1.26
N ILE A 269 -9.81 -12.38 -4.08
CA ILE A 269 -10.82 -12.73 -3.10
C ILE A 269 -11.93 -11.66 -3.04
N PRO A 270 -12.81 -11.66 -4.06
CA PRO A 270 -13.90 -10.70 -4.23
C PRO A 270 -15.28 -11.25 -3.76
N PRO A 271 -16.23 -10.31 -3.47
CA PRO A 271 -17.63 -10.50 -3.05
C PRO A 271 -18.33 -9.13 -2.95
N LYS A 272 -18.16 -8.28 -3.99
CA LYS A 272 -18.67 -6.89 -4.13
C LYS A 272 -18.65 -6.14 -2.77
N TYR A 273 -19.79 -5.60 -2.27
CA TYR A 273 -19.81 -4.87 -0.99
C TYR A 273 -20.64 -5.63 0.09
N PHE A 274 -20.08 -5.71 1.32
CA PHE A 274 -20.65 -6.45 2.47
C PHE A 274 -20.69 -5.66 3.81
N VAL A 275 -21.42 -6.21 4.82
CA VAL A 275 -21.67 -5.54 6.10
C VAL A 275 -21.19 -6.35 7.31
N VAL A 276 -20.47 -5.69 8.23
CA VAL A 276 -19.95 -6.29 9.45
C VAL A 276 -20.72 -5.68 10.64
N THR A 277 -21.48 -6.51 11.35
CA THR A 277 -22.37 -6.11 12.46
C THR A 277 -21.68 -6.13 13.84
N ASN A 278 -20.54 -6.83 13.96
CA ASN A 278 -19.78 -6.93 15.20
C ASN A 278 -18.38 -6.32 14.99
N ASN A 279 -18.04 -5.27 15.76
CA ASN A 279 -16.75 -4.54 15.68
C ASN A 279 -15.54 -5.41 16.09
N GLN A 280 -15.78 -6.56 16.75
CA GLN A 280 -14.72 -7.47 17.18
C GLN A 280 -14.21 -8.34 16.01
N LEU A 281 -14.96 -8.37 14.90
CA LEU A 281 -14.66 -9.19 13.73
C LEU A 281 -13.81 -8.49 12.65
N LEU A 282 -13.37 -7.24 12.91
CA LEU A 282 -12.54 -6.54 11.93
C LEU A 282 -11.62 -5.54 12.59
N ARG A 283 -10.58 -5.16 11.86
CA ARG A 283 -9.65 -4.11 12.28
C ARG A 283 -9.05 -3.51 11.02
N VAL A 284 -8.70 -2.23 11.07
CA VAL A 284 -8.02 -1.55 9.97
C VAL A 284 -6.56 -2.04 9.99
N LYS A 285 -6.08 -2.54 8.86
CA LYS A 285 -4.72 -3.09 8.80
C LYS A 285 -3.78 -2.25 7.93
N TYR A 286 -4.30 -1.64 6.86
CA TYR A 286 -3.49 -0.79 5.98
C TYR A 286 -4.22 0.49 5.66
N LEU A 287 -3.43 1.52 5.31
CA LEU A 287 -3.92 2.80 4.83
C LEU A 287 -3.28 3.10 3.50
N LEU A 288 -4.13 3.30 2.47
CA LEU A 288 -3.71 3.65 1.11
C LEU A 288 -3.85 5.13 0.98
N VAL A 289 -2.74 5.84 0.73
CA VAL A 289 -2.75 7.30 0.71
C VAL A 289 -2.40 7.83 -0.68
N TYR A 290 -3.27 8.72 -1.18
CA TYR A 290 -3.18 9.37 -2.49
C TYR A 290 -2.97 10.84 -2.28
N SER A 291 -1.86 11.36 -2.78
CA SER A 291 -1.52 12.76 -2.67
C SER A 291 -1.87 13.49 -3.96
N GLN A 292 -2.64 14.59 -3.86
CA GLN A 292 -3.03 15.35 -5.05
C GLN A 292 -1.86 16.23 -5.48
N LYS A 293 -1.47 16.09 -6.75
CA LYS A 293 -0.37 16.82 -7.38
C LYS A 293 -0.88 18.07 -8.09
N SER B 22 -16.62 1.15 -48.12
CA SER B 22 -15.54 0.20 -48.36
C SER B 22 -14.20 0.92 -48.57
N MET B 23 -13.07 0.19 -48.76
CA MET B 23 -11.73 0.80 -48.93
C MET B 23 -10.65 -0.22 -49.40
N GLY B 24 -9.74 0.22 -50.28
CA GLY B 24 -8.61 -0.55 -50.80
C GLY B 24 -7.46 -0.66 -49.80
N TRP B 25 -6.47 -1.53 -50.09
CA TRP B 25 -5.37 -1.80 -49.14
C TRP B 25 -4.40 -0.62 -48.99
N ALA B 26 -4.14 0.13 -50.08
CA ALA B 26 -3.26 1.30 -50.06
C ALA B 26 -3.84 2.36 -49.13
N ALA B 27 -5.17 2.53 -49.13
CA ALA B 27 -5.81 3.49 -48.22
C ALA B 27 -5.69 3.00 -46.74
N ALA B 28 -5.76 1.67 -46.51
CA ALA B 28 -5.58 1.10 -45.16
C ALA B 28 -4.13 1.30 -44.68
N ARG B 29 -3.15 1.13 -45.58
CA ARG B 29 -1.72 1.32 -45.27
C ARG B 29 -1.45 2.77 -44.83
N GLU B 30 -2.06 3.74 -45.55
CA GLU B 30 -1.89 5.15 -45.18
C GLU B 30 -2.58 5.47 -43.83
N ALA B 31 -3.84 5.00 -43.64
CA ALA B 31 -4.60 5.24 -42.40
C ALA B 31 -3.84 4.67 -41.18
N ALA B 32 -3.32 3.44 -41.31
CA ALA B 32 -2.56 2.80 -40.23
C ALA B 32 -1.20 3.46 -40.01
N GLY B 33 -0.44 3.74 -41.08
CA GLY B 33 0.88 4.37 -40.95
C GLY B 33 0.88 5.75 -40.32
N ARG B 34 -0.14 6.56 -40.63
CA ARG B 34 -0.24 7.91 -40.11
C ARG B 34 -0.68 7.92 -38.66
N ASP B 35 -1.35 6.89 -38.18
CA ASP B 35 -1.72 6.85 -36.76
C ASP B 35 -1.88 5.41 -36.33
N MET B 36 -0.75 4.76 -36.05
CA MET B 36 -0.71 3.33 -35.73
C MET B 36 -1.49 2.97 -34.47
N LEU B 37 -1.43 3.80 -33.44
CA LEU B 37 -2.15 3.54 -32.20
C LEU B 37 -3.66 3.67 -32.38
N ALA B 38 -4.14 4.63 -33.18
CA ALA B 38 -5.58 4.76 -33.44
C ALA B 38 -6.08 3.59 -34.31
N ALA B 39 -5.27 3.16 -35.30
CA ALA B 39 -5.63 2.01 -36.14
C ALA B 39 -5.70 0.76 -35.27
N ASP B 40 -4.72 0.61 -34.35
CA ASP B 40 -4.64 -0.50 -33.43
C ASP B 40 -5.87 -0.49 -32.48
N LEU B 41 -6.24 0.67 -31.92
CA LEU B 41 -7.46 0.75 -31.10
C LEU B 41 -8.71 0.19 -31.85
N ARG B 42 -8.89 0.60 -33.13
CA ARG B 42 -10.03 0.18 -33.95
C ARG B 42 -10.01 -1.33 -34.17
N CYS B 43 -8.83 -1.93 -34.39
CA CYS B 43 -8.65 -3.39 -34.51
C CYS B 43 -8.95 -4.06 -33.15
N SER B 44 -8.56 -3.43 -32.04
CA SER B 44 -8.77 -3.96 -30.70
C SER B 44 -10.26 -3.97 -30.32
N LEU B 45 -10.97 -2.89 -30.63
CA LEU B 45 -12.41 -2.75 -30.35
C LEU B 45 -13.19 -3.70 -31.24
N PHE B 46 -12.74 -3.88 -32.50
CA PHE B 46 -13.33 -4.86 -33.41
C PHE B 46 -13.16 -6.27 -32.82
N ALA B 47 -11.93 -6.60 -32.36
CA ALA B 47 -11.65 -7.94 -31.76
C ALA B 47 -12.51 -8.18 -30.53
N SER B 48 -12.66 -7.16 -29.66
CA SER B 48 -13.44 -7.29 -28.43
C SER B 48 -14.91 -7.63 -28.76
N ALA B 49 -15.52 -6.89 -29.72
CA ALA B 49 -16.92 -7.11 -30.12
C ALA B 49 -17.07 -8.46 -30.83
N LEU B 50 -16.07 -8.88 -31.65
CA LEU B 50 -16.15 -10.16 -32.36
C LEU B 50 -15.99 -11.36 -31.39
N GLN B 51 -15.02 -11.28 -30.45
CA GLN B 51 -14.74 -12.37 -29.50
C GLN B 51 -15.85 -12.56 -28.50
N SER B 52 -16.60 -11.46 -28.23
CA SER B 52 -17.71 -11.47 -27.27
C SER B 52 -18.74 -12.51 -27.63
N TYR B 53 -19.32 -13.19 -26.62
CA TYR B 53 -20.43 -14.13 -26.82
C TYR B 53 -21.67 -13.33 -27.36
N LYS B 54 -21.67 -12.00 -27.15
CA LYS B 54 -22.71 -11.06 -27.62
C LYS B 54 -22.43 -10.54 -29.06
N ARG B 55 -21.41 -11.12 -29.78
CA ARG B 55 -20.99 -10.69 -31.14
C ARG B 55 -22.17 -10.43 -32.10
N ASP B 56 -23.22 -11.26 -32.05
CA ASP B 56 -24.36 -11.05 -32.93
C ASP B 56 -24.99 -9.66 -32.77
N SER B 57 -25.08 -9.14 -31.54
CA SER B 57 -25.65 -7.80 -31.33
C SER B 57 -24.59 -6.68 -31.28
N VAL B 58 -23.37 -6.95 -30.74
CA VAL B 58 -22.38 -5.88 -30.55
C VAL B 58 -21.46 -5.69 -31.78
N LEU B 59 -21.27 -6.73 -32.63
CA LEU B 59 -20.39 -6.52 -33.79
C LEU B 59 -21.24 -5.93 -34.93
N ARG B 60 -21.59 -4.66 -34.75
CA ARG B 60 -22.37 -3.87 -35.69
C ARG B 60 -21.71 -2.51 -35.78
N PRO B 61 -21.20 -2.08 -36.97
CA PRO B 61 -21.31 -2.73 -38.28
C PRO B 61 -20.53 -4.06 -38.37
N PHE B 62 -21.02 -4.94 -39.24
CA PHE B 62 -20.50 -6.28 -39.52
C PHE B 62 -19.88 -6.30 -40.93
N PRO B 63 -18.71 -6.97 -41.17
CA PRO B 63 -18.15 -6.95 -42.55
C PRO B 63 -18.99 -7.83 -43.50
N ALA B 64 -19.61 -7.19 -44.53
CA ALA B 64 -20.52 -7.85 -45.50
C ALA B 64 -19.88 -9.05 -46.21
N SER B 65 -18.56 -9.05 -46.42
CA SER B 65 -17.86 -10.19 -47.06
C SER B 65 -17.95 -11.49 -46.22
N TYR B 66 -18.30 -11.39 -44.92
CA TYR B 66 -18.44 -12.56 -44.04
C TYR B 66 -19.92 -12.91 -43.84
N ALA B 67 -20.81 -12.33 -44.64
CA ALA B 67 -22.23 -12.63 -44.57
C ALA B 67 -22.76 -13.16 -45.89
N ARG B 68 -23.67 -14.13 -45.85
CA ARG B 68 -24.36 -14.64 -47.03
C ARG B 68 -25.82 -14.32 -46.79
N GLY B 69 -26.23 -13.13 -47.27
CA GLY B 69 -27.57 -12.59 -47.03
C GLY B 69 -27.71 -12.27 -45.55
N ASP B 70 -28.68 -12.93 -44.89
CA ASP B 70 -28.95 -12.78 -43.45
C ASP B 70 -28.00 -13.63 -42.59
N CYS B 71 -27.29 -14.60 -43.20
CA CYS B 71 -26.42 -15.53 -42.48
C CYS B 71 -25.01 -14.98 -42.28
N LYS B 72 -24.68 -14.61 -41.03
CA LYS B 72 -23.37 -14.09 -40.64
C LYS B 72 -22.44 -15.28 -40.34
N ASP B 73 -21.28 -15.35 -41.03
CA ASP B 73 -20.35 -16.47 -40.85
C ASP B 73 -19.30 -16.09 -39.79
N PHE B 74 -19.70 -16.15 -38.52
CA PHE B 74 -18.83 -15.78 -37.40
C PHE B 74 -17.62 -16.74 -37.25
N GLU B 75 -17.76 -18.03 -37.59
CA GLU B 75 -16.68 -19.00 -37.51
C GLU B 75 -15.52 -18.61 -38.45
N ALA B 76 -15.83 -18.26 -39.72
CA ALA B 76 -14.82 -17.80 -40.68
C ALA B 76 -14.21 -16.46 -40.24
N LEU B 77 -15.05 -15.57 -39.67
CA LEU B 77 -14.59 -14.26 -39.22
C LEU B 77 -13.63 -14.40 -38.02
N LEU B 78 -13.97 -15.25 -37.04
CA LEU B 78 -13.14 -15.52 -35.87
C LEU B 78 -11.80 -16.13 -36.29
N ALA B 79 -11.79 -17.10 -37.23
CA ALA B 79 -10.55 -17.73 -37.69
C ALA B 79 -9.63 -16.69 -38.41
N ASP B 80 -10.17 -15.90 -39.37
CA ASP B 80 -9.35 -14.90 -40.06
C ASP B 80 -8.84 -13.81 -39.10
N ALA B 81 -9.68 -13.37 -38.13
CA ALA B 81 -9.26 -12.37 -37.14
C ALA B 81 -8.14 -12.90 -36.26
N SER B 82 -8.14 -14.22 -35.97
CA SER B 82 -7.06 -14.82 -35.17
C SER B 82 -5.74 -14.84 -35.99
N LYS B 83 -5.83 -14.66 -37.33
CA LYS B 83 -4.68 -14.65 -38.24
C LYS B 83 -4.12 -13.25 -38.51
N LEU B 84 -4.76 -12.18 -37.98
CA LEU B 84 -4.21 -10.82 -38.13
C LEU B 84 -2.88 -10.70 -37.37
N PRO B 85 -1.77 -10.32 -38.04
CA PRO B 85 -0.52 -10.10 -37.29
C PRO B 85 -0.59 -8.71 -36.65
N ASN B 86 0.39 -8.33 -35.81
CA ASN B 86 0.41 -6.97 -35.28
C ASN B 86 0.54 -6.00 -36.50
N LEU B 87 0.08 -4.75 -36.34
CA LEU B 87 0.07 -3.82 -37.47
C LEU B 87 1.46 -3.49 -38.01
N LYS B 88 2.49 -3.42 -37.15
CA LYS B 88 3.86 -3.14 -37.62
C LYS B 88 4.31 -4.24 -38.56
N GLU B 89 4.05 -5.51 -38.20
CA GLU B 89 4.38 -6.67 -39.03
C GLU B 89 3.58 -6.65 -40.33
N LEU B 90 2.29 -6.31 -40.25
CA LEU B 90 1.44 -6.24 -41.43
C LEU B 90 2.02 -5.26 -42.47
N LEU B 91 2.37 -4.05 -42.03
CA LEU B 91 2.85 -3.04 -42.98
C LEU B 91 4.28 -3.30 -43.51
N GLN B 92 5.12 -4.03 -42.75
CA GLN B 92 6.48 -4.28 -43.24
C GLN B 92 6.56 -5.60 -44.04
N SER B 93 5.52 -6.42 -44.01
CA SER B 93 5.55 -7.75 -44.62
C SER B 93 5.88 -7.70 -46.12
N SER B 94 6.76 -8.61 -46.56
CA SER B 94 7.11 -8.75 -47.96
C SER B 94 6.35 -9.96 -48.54
N GLY B 95 6.22 -10.01 -49.86
CA GLY B 95 5.51 -11.08 -50.54
C GLY B 95 4.00 -10.86 -50.58
N ASP B 96 3.28 -11.82 -51.14
CA ASP B 96 1.83 -11.73 -51.30
C ASP B 96 1.14 -12.42 -50.12
N ASN B 97 1.41 -11.93 -48.92
CA ASN B 97 0.89 -12.55 -47.71
C ASN B 97 -0.17 -11.68 -47.04
N HIS B 98 -0.87 -12.27 -46.08
CA HIS B 98 -1.87 -11.62 -45.24
C HIS B 98 -3.01 -10.99 -46.06
N LYS B 99 -3.49 -11.65 -47.13
CA LYS B 99 -4.54 -11.06 -47.99
C LYS B 99 -5.87 -10.90 -47.24
N ARG B 100 -6.27 -11.89 -46.43
CA ARG B 100 -7.50 -11.81 -45.62
C ARG B 100 -7.33 -10.78 -44.52
N ALA B 101 -6.10 -10.67 -43.98
CA ALA B 101 -5.79 -9.70 -42.95
C ALA B 101 -5.92 -8.26 -43.53
N TRP B 102 -5.38 -8.02 -44.76
CA TRP B 102 -5.51 -6.70 -45.37
C TRP B 102 -6.98 -6.35 -45.64
N ASP B 103 -7.78 -7.32 -46.12
CA ASP B 103 -9.20 -7.09 -46.39
C ASP B 103 -9.92 -6.69 -45.11
N LEU B 104 -9.60 -7.33 -44.00
CA LEU B 104 -10.27 -7.07 -42.73
C LEU B 104 -9.84 -5.74 -42.11
N VAL B 105 -8.52 -5.46 -42.07
CA VAL B 105 -7.98 -4.18 -41.56
C VAL B 105 -8.52 -3.01 -42.43
N SER B 106 -8.57 -3.19 -43.77
CA SER B 106 -9.11 -2.12 -44.66
C SER B 106 -10.56 -1.83 -44.31
N TRP B 107 -11.39 -2.86 -44.07
CA TRP B 107 -12.79 -2.66 -43.68
C TRP B 107 -12.87 -1.97 -42.29
N ILE B 108 -12.08 -2.41 -41.30
CA ILE B 108 -12.07 -1.84 -39.95
C ILE B 108 -11.78 -0.31 -40.00
N LEU B 109 -10.85 0.11 -40.87
CA LEU B 109 -10.45 1.52 -40.99
C LEU B 109 -11.22 2.29 -42.08
N SER B 110 -12.27 1.66 -42.74
CA SER B 110 -12.91 2.21 -43.99
C SER B 110 -13.96 3.32 -43.84
N SER B 111 -14.46 3.63 -42.62
CA SER B 111 -15.51 4.65 -42.43
C SER B 111 -15.24 5.90 -43.23
N LYS B 112 -16.24 6.38 -43.96
CA LYS B 112 -16.20 7.63 -44.71
C LYS B 112 -16.89 8.74 -43.89
N VAL B 113 -17.43 8.38 -42.71
CA VAL B 113 -18.19 9.27 -41.83
C VAL B 113 -17.31 9.88 -40.72
N LEU B 114 -16.36 9.12 -40.19
CA LEU B 114 -15.51 9.57 -39.08
C LEU B 114 -14.17 8.87 -39.11
N THR B 115 -13.23 9.37 -38.31
CA THR B 115 -11.94 8.73 -38.08
C THR B 115 -11.55 8.94 -36.61
N ILE B 116 -10.47 8.31 -36.18
CA ILE B 116 -9.98 8.40 -34.80
C ILE B 116 -8.53 8.82 -34.86
N HIS B 117 -8.16 9.79 -34.02
CA HIS B 117 -6.78 10.29 -33.90
C HIS B 117 -6.24 10.07 -32.52
N SER B 118 -4.97 9.71 -32.40
CA SER B 118 -4.25 9.68 -31.13
C SER B 118 -4.15 11.11 -30.63
N ALA B 119 -4.36 11.33 -29.34
CA ALA B 119 -4.25 12.67 -28.78
C ALA B 119 -3.19 12.68 -27.67
N GLY B 120 -2.76 13.88 -27.28
CA GLY B 120 -1.74 14.07 -26.25
C GLY B 120 -2.22 14.68 -24.94
N LYS B 121 -1.25 15.02 -24.08
CA LYS B 121 -1.47 15.60 -22.75
C LYS B 121 -2.17 16.97 -22.82
N ALA B 122 -1.96 17.74 -23.91
CA ALA B 122 -2.62 19.03 -24.14
C ALA B 122 -4.15 18.84 -24.23
N GLU B 123 -4.60 17.76 -24.91
CA GLU B 123 -6.02 17.45 -25.04
C GLU B 123 -6.59 16.84 -23.75
N PHE B 124 -5.78 16.05 -22.99
CA PHE B 124 -6.25 15.47 -21.73
C PHE B 124 -6.41 16.57 -20.66
N GLU B 125 -5.52 17.59 -20.68
CA GLU B 125 -5.58 18.75 -19.78
C GLU B 125 -6.84 19.54 -20.07
N LYS B 126 -7.17 19.69 -21.38
CA LYS B 126 -8.37 20.37 -21.86
C LYS B 126 -9.64 19.64 -21.36
N ILE B 127 -9.66 18.28 -21.41
CA ILE B 127 -10.78 17.43 -20.95
C ILE B 127 -10.99 17.64 -19.44
N GLN B 128 -9.87 17.62 -18.66
CA GLN B 128 -9.88 17.83 -17.21
C GLN B 128 -10.46 19.20 -16.85
N LYS B 129 -10.13 20.23 -17.64
CA LYS B 129 -10.63 21.61 -17.46
C LYS B 129 -12.12 21.72 -17.79
N LEU B 130 -12.57 21.05 -18.87
CA LEU B 130 -13.97 21.07 -19.33
C LEU B 130 -14.92 20.21 -18.48
N THR B 131 -14.37 19.30 -17.65
CA THR B 131 -15.18 18.40 -16.82
C THR B 131 -14.96 18.68 -15.33
N GLY B 132 -13.93 19.44 -15.02
CA GLY B 132 -13.59 19.79 -13.64
C GLY B 132 -12.63 18.80 -13.01
N ALA B 133 -11.93 19.26 -11.97
CA ALA B 133 -10.96 18.48 -11.20
C ALA B 133 -11.65 17.32 -10.47
N PRO B 134 -11.14 16.07 -10.58
CA PRO B 134 -11.81 14.95 -9.89
C PRO B 134 -11.76 15.11 -8.38
N HIS B 135 -12.89 14.88 -7.74
CA HIS B 135 -13.02 15.01 -6.30
C HIS B 135 -12.39 13.80 -5.60
N THR B 136 -12.32 12.68 -6.33
CA THR B 136 -11.83 11.39 -5.86
C THR B 136 -10.60 10.98 -6.73
N PRO B 137 -9.61 10.21 -6.18
CA PRO B 137 -8.45 9.79 -7.00
C PRO B 137 -8.85 8.93 -8.20
N VAL B 138 -8.30 9.27 -9.37
CA VAL B 138 -8.55 8.59 -10.65
C VAL B 138 -7.22 8.27 -11.32
N PRO B 139 -7.09 7.15 -12.05
CA PRO B 139 -5.84 6.94 -12.81
C PRO B 139 -5.82 7.79 -14.08
N ALA B 140 -4.63 8.19 -14.52
CA ALA B 140 -4.46 8.91 -15.79
C ALA B 140 -4.60 7.87 -16.91
N PRO B 141 -5.26 8.15 -18.04
CA PRO B 141 -5.36 7.10 -19.09
C PRO B 141 -3.99 6.77 -19.71
N ASP B 142 -3.82 5.54 -20.18
CA ASP B 142 -2.57 5.14 -20.85
C ASP B 142 -2.54 5.72 -22.26
N PHE B 143 -3.71 5.85 -22.89
CA PHE B 143 -3.88 6.37 -24.26
C PHE B 143 -5.15 7.19 -24.32
N LEU B 144 -5.11 8.28 -25.09
CA LEU B 144 -6.23 9.17 -25.31
C LEU B 144 -6.45 9.31 -26.82
N PHE B 145 -7.72 9.30 -27.24
CA PHE B 145 -8.06 9.41 -28.66
C PHE B 145 -9.18 10.39 -28.87
N GLU B 146 -9.19 11.04 -30.03
CA GLU B 146 -10.22 11.98 -30.42
C GLU B 146 -10.98 11.44 -31.64
N ILE B 147 -12.29 11.58 -31.64
CA ILE B 147 -13.10 11.19 -32.80
C ILE B 147 -13.36 12.43 -33.66
N GLU B 148 -12.98 12.39 -34.94
CA GLU B 148 -13.25 13.46 -35.91
C GLU B 148 -14.42 13.00 -36.78
N TYR B 149 -15.48 13.79 -36.81
CA TYR B 149 -16.65 13.55 -37.65
C TYR B 149 -16.48 14.40 -38.89
N PHE B 150 -16.63 13.80 -40.06
CA PHE B 150 -16.47 14.54 -41.30
C PHE B 150 -17.79 15.24 -41.67
N ASP B 151 -17.74 16.19 -42.63
CA ASP B 151 -18.92 16.90 -43.12
C ASP B 151 -19.83 15.94 -43.94
N PRO B 152 -21.16 16.11 -43.94
CA PRO B 152 -21.95 17.21 -43.35
C PRO B 152 -22.21 17.05 -41.85
N ALA B 153 -22.15 15.79 -41.33
CA ALA B 153 -22.39 15.41 -39.93
C ALA B 153 -21.79 16.40 -38.92
N ASN B 154 -20.51 16.85 -39.13
CA ASN B 154 -19.89 17.79 -38.21
C ASN B 154 -20.67 19.10 -38.17
N ALA B 155 -21.00 19.67 -39.36
CA ALA B 155 -21.74 20.93 -39.52
C ALA B 155 -23.19 20.86 -38.99
N LYS B 156 -23.86 19.71 -39.21
CA LYS B 156 -25.24 19.41 -38.79
C LYS B 156 -25.38 19.42 -37.24
N PHE B 157 -24.32 18.98 -36.51
CA PHE B 157 -24.30 18.94 -35.03
C PHE B 157 -24.29 20.35 -34.48
N TYR B 158 -23.52 21.26 -35.10
CA TYR B 158 -23.48 22.67 -34.69
C TYR B 158 -24.77 23.39 -35.10
N GLU B 159 -25.45 22.89 -36.16
CA GLU B 159 -26.75 23.39 -36.61
C GLU B 159 -27.80 23.15 -35.50
N THR B 160 -27.79 21.94 -34.89
CA THR B 160 -28.70 21.55 -33.81
C THR B 160 -28.34 22.33 -32.52
N LYS B 161 -27.03 22.56 -32.30
CA LYS B 161 -26.46 23.30 -31.17
C LYS B 161 -26.91 24.78 -31.20
N GLY B 162 -26.76 25.43 -32.36
CA GLY B 162 -27.06 26.85 -32.50
C GLY B 162 -26.12 27.66 -31.64
N GLU B 163 -26.68 28.53 -30.79
CA GLU B 163 -25.90 29.36 -29.88
C GLU B 163 -25.77 28.72 -28.48
N ARG B 164 -26.37 27.51 -28.28
CA ARG B 164 -26.34 26.80 -26.99
C ARG B 164 -24.91 26.37 -26.63
N ASP B 165 -24.61 26.29 -25.33
CA ASP B 165 -23.30 25.88 -24.84
C ASP B 165 -23.08 24.38 -24.98
N LEU B 166 -21.81 23.94 -24.97
CA LEU B 166 -21.48 22.52 -24.99
C LEU B 166 -20.97 22.10 -23.63
N ILE B 167 -21.48 20.96 -23.15
CA ILE B 167 -21.16 20.31 -21.88
C ILE B 167 -20.36 19.04 -22.22
N TYR B 168 -19.34 18.73 -21.41
CA TYR B 168 -18.54 17.53 -21.59
C TYR B 168 -18.83 16.62 -20.41
N ALA B 169 -19.15 15.35 -20.72
CA ALA B 169 -19.49 14.37 -19.68
C ALA B 169 -18.97 12.99 -20.08
N PHE B 170 -18.88 12.08 -19.11
CA PHE B 170 -18.33 10.75 -19.31
C PHE B 170 -19.40 9.67 -19.37
N HIS B 171 -19.09 8.62 -20.13
CA HIS B 171 -19.92 7.43 -20.25
C HIS B 171 -19.02 6.22 -20.26
N GLY B 172 -19.15 5.41 -19.23
CA GLY B 172 -18.40 4.17 -19.10
C GLY B 172 -19.20 3.04 -19.72
N SER B 173 -18.51 2.02 -20.25
CA SER B 173 -19.16 0.84 -20.83
C SER B 173 -18.17 -0.30 -20.92
N ARG B 174 -18.70 -1.52 -21.16
CA ARG B 174 -17.90 -2.70 -21.40
C ARG B 174 -17.18 -2.52 -22.73
N LEU B 175 -15.93 -2.99 -22.81
CA LEU B 175 -15.06 -2.82 -23.98
C LEU B 175 -15.71 -3.30 -25.30
N GLU B 176 -16.45 -4.43 -25.27
CA GLU B 176 -17.06 -5.03 -26.46
C GLU B 176 -18.19 -4.19 -27.05
N ASN B 177 -18.60 -3.11 -26.37
CA ASN B 177 -19.63 -2.21 -26.86
C ASN B 177 -19.09 -1.02 -27.66
N PHE B 178 -17.78 -0.72 -27.55
CA PHE B 178 -17.22 0.52 -28.13
C PHE B 178 -17.14 0.54 -29.67
N HIS B 179 -16.93 -0.60 -30.35
CA HIS B 179 -16.97 -0.65 -31.82
C HIS B 179 -18.33 -0.11 -32.30
N SER B 180 -19.43 -0.59 -31.65
CA SER B 180 -20.78 -0.18 -31.98
C SER B 180 -21.07 1.27 -31.51
N ILE B 181 -20.62 1.66 -30.30
CA ILE B 181 -20.83 3.01 -29.77
C ILE B 181 -20.24 4.02 -30.77
N ILE B 182 -19.00 3.80 -31.22
CA ILE B 182 -18.33 4.72 -32.13
C ILE B 182 -19.09 4.84 -33.47
N HIS B 183 -19.40 3.72 -34.12
CA HIS B 183 -19.97 3.74 -35.45
C HIS B 183 -21.49 3.99 -35.48
N ASN B 184 -22.22 3.64 -34.42
CA ASN B 184 -23.68 3.84 -34.40
C ASN B 184 -24.12 4.94 -33.43
N GLY B 185 -23.23 5.40 -32.56
CA GLY B 185 -23.54 6.38 -31.52
C GLY B 185 -24.13 5.71 -30.30
N LEU B 186 -24.19 6.43 -29.16
CA LEU B 186 -24.78 5.90 -27.92
C LEU B 186 -26.30 5.70 -28.06
N HIS B 187 -26.82 4.54 -27.62
CA HIS B 187 -28.25 4.19 -27.64
C HIS B 187 -29.04 5.10 -26.71
N CYS B 188 -30.08 5.77 -27.23
CA CYS B 188 -30.94 6.63 -26.43
C CYS B 188 -32.35 6.00 -26.36
N GLY B 199 -32.95 6.88 -21.15
CA GLY B 199 -32.08 7.31 -22.26
C GLY B 199 -30.62 6.98 -22.02
N THR B 200 -29.70 7.90 -22.42
CA THR B 200 -28.27 7.70 -22.21
C THR B 200 -27.84 8.34 -20.89
N TYR B 201 -27.23 7.53 -20.01
CA TYR B 201 -26.74 7.97 -18.70
C TYR B 201 -25.31 8.43 -18.81
N LEU B 202 -25.06 9.68 -18.41
CA LEU B 202 -23.73 10.30 -18.40
C LEU B 202 -23.41 10.86 -17.03
N THR B 203 -22.12 11.13 -16.75
CA THR B 203 -21.72 11.73 -15.49
C THR B 203 -20.59 12.71 -15.72
N SER B 204 -20.53 13.75 -14.88
CA SER B 204 -19.48 14.77 -14.89
C SER B 204 -18.22 14.25 -14.19
N ASP B 205 -18.36 13.18 -13.40
CA ASP B 205 -17.25 12.60 -12.63
C ASP B 205 -16.70 11.34 -13.31
N LEU B 206 -15.41 11.39 -13.70
CA LEU B 206 -14.70 10.27 -14.35
C LEU B 206 -14.67 9.04 -13.43
N SER B 207 -14.52 9.24 -12.11
CA SER B 207 -14.50 8.14 -11.12
C SER B 207 -15.79 7.31 -11.13
N LEU B 208 -16.95 7.96 -11.37
CA LEU B 208 -18.25 7.28 -11.45
C LEU B 208 -18.36 6.53 -12.77
N ALA B 209 -17.87 7.12 -13.88
CA ALA B 209 -17.91 6.48 -15.19
C ALA B 209 -17.00 5.26 -15.25
N LEU B 210 -15.81 5.33 -14.60
CA LEU B 210 -14.83 4.23 -14.60
C LEU B 210 -15.38 2.94 -14.00
N ILE B 211 -16.29 3.01 -12.99
CA ILE B 211 -16.84 1.78 -12.41
C ILE B 211 -17.73 1.05 -13.45
N TYR B 212 -18.17 1.73 -14.51
CA TYR B 212 -18.98 1.15 -15.58
C TYR B 212 -18.09 0.71 -16.77
N SER B 213 -16.77 0.86 -16.64
CA SER B 213 -15.82 0.47 -17.67
C SER B 213 -14.88 -0.63 -17.17
N PRO B 214 -15.35 -1.88 -16.93
CA PRO B 214 -14.42 -2.91 -16.48
C PRO B 214 -13.44 -3.27 -17.59
N HIS B 215 -12.28 -3.80 -17.20
CA HIS B 215 -11.29 -4.29 -18.15
C HIS B 215 -11.91 -5.45 -18.96
N GLY B 216 -11.68 -5.43 -20.27
CA GLY B 216 -12.18 -6.45 -21.17
C GLY B 216 -11.08 -6.99 -22.05
N HIS B 217 -11.36 -8.07 -22.77
CA HIS B 217 -10.40 -8.66 -23.68
C HIS B 217 -10.39 -7.92 -25.00
N GLY B 218 -9.22 -7.46 -25.38
CA GLY B 218 -9.03 -6.79 -26.65
C GLY B 218 -8.40 -7.74 -27.65
N TRP B 219 -7.35 -7.28 -28.30
CA TRP B 219 -6.67 -8.03 -29.36
C TRP B 219 -5.32 -8.50 -28.85
N GLN B 220 -5.05 -9.81 -29.01
CA GLN B 220 -3.80 -10.43 -28.54
C GLN B 220 -2.53 -9.75 -29.13
N HIS B 221 -2.60 -9.21 -30.37
CA HIS B 221 -1.44 -8.60 -31.03
C HIS B 221 -1.46 -7.07 -31.02
N SER B 222 -2.19 -6.47 -30.06
CA SER B 222 -2.33 -5.03 -29.96
C SER B 222 -1.09 -4.36 -29.34
N LEU B 223 -0.73 -3.17 -29.86
CA LEU B 223 0.31 -2.29 -29.33
C LEU B 223 -0.14 -1.70 -27.99
N LEU B 224 -1.46 -1.68 -27.74
CA LEU B 224 -2.01 -1.12 -26.51
C LEU B 224 -2.01 -2.11 -25.36
N GLY B 225 -1.89 -3.39 -25.67
CA GLY B 225 -1.97 -4.46 -24.69
C GLY B 225 -3.24 -5.27 -24.94
N PRO B 226 -3.30 -6.54 -24.49
CA PRO B 226 -4.49 -7.37 -24.79
C PRO B 226 -5.71 -7.11 -23.89
N ILE B 227 -5.57 -6.39 -22.77
CA ILE B 227 -6.66 -6.17 -21.83
C ILE B 227 -6.83 -4.67 -21.63
N LEU B 228 -8.02 -4.17 -22.00
CA LEU B 228 -8.31 -2.73 -21.96
C LEU B 228 -9.63 -2.37 -21.31
N SER B 229 -9.66 -1.15 -20.77
CA SER B 229 -10.85 -0.48 -20.30
C SER B 229 -10.96 0.82 -21.10
N CYS B 230 -12.17 1.17 -21.49
CA CYS B 230 -12.40 2.37 -22.29
C CYS B 230 -13.54 3.21 -21.72
N VAL B 231 -13.35 4.53 -21.66
CA VAL B 231 -14.37 5.50 -21.20
C VAL B 231 -14.61 6.54 -22.30
N ALA B 232 -15.89 6.79 -22.65
CA ALA B 232 -16.23 7.80 -23.64
C ALA B 232 -16.36 9.20 -22.99
N VAL B 233 -15.87 10.23 -23.69
CA VAL B 233 -16.03 11.64 -23.30
C VAL B 233 -16.99 12.21 -24.33
N CYS B 234 -18.22 12.52 -23.90
CA CYS B 234 -19.27 13.01 -24.78
C CYS B 234 -19.34 14.52 -24.79
N GLU B 235 -19.72 15.04 -25.94
CA GLU B 235 -19.98 16.42 -26.26
C GLU B 235 -21.50 16.53 -26.27
N VAL B 236 -22.06 17.24 -25.28
CA VAL B 236 -23.51 17.33 -25.11
C VAL B 236 -23.98 18.78 -25.26
N ILE B 237 -25.01 19.01 -26.09
CA ILE B 237 -25.62 20.32 -26.29
C ILE B 237 -26.45 20.64 -25.03
N ASP B 238 -26.20 21.82 -24.40
CA ASP B 238 -26.93 22.29 -23.22
C ASP B 238 -28.36 22.62 -23.65
N HIS B 239 -29.28 21.69 -23.40
CA HIS B 239 -30.69 21.73 -23.80
C HIS B 239 -31.61 21.31 -22.62
N PRO B 240 -32.88 21.79 -22.53
CA PRO B 240 -33.73 21.50 -21.36
C PRO B 240 -33.72 20.06 -20.80
N ASP B 241 -33.33 19.03 -21.57
CA ASP B 241 -33.18 17.63 -21.13
C ASP B 241 -32.48 17.50 -19.77
N PRO B 270 -21.68 8.61 -3.54
CA PRO B 270 -21.41 9.93 -2.99
C PRO B 270 -21.52 11.04 -4.05
N PRO B 271 -21.48 10.67 -5.35
CA PRO B 271 -21.59 11.63 -6.48
C PRO B 271 -22.81 11.30 -7.40
N LYS B 272 -23.11 12.18 -8.41
CA LYS B 272 -24.31 12.06 -9.26
C LYS B 272 -24.05 11.98 -10.79
N TYR B 273 -25.15 11.70 -11.55
CA TYR B 273 -25.21 11.54 -13.01
C TYR B 273 -26.48 12.19 -13.62
N PHE B 274 -26.56 12.28 -14.98
CA PHE B 274 -27.71 12.85 -15.71
C PHE B 274 -28.04 12.02 -16.97
N VAL B 275 -29.26 12.21 -17.52
CA VAL B 275 -29.79 11.44 -18.65
C VAL B 275 -30.07 12.33 -19.88
N VAL B 276 -29.73 11.81 -21.08
CA VAL B 276 -29.98 12.44 -22.38
C VAL B 276 -31.01 11.57 -23.11
N THR B 277 -32.19 12.13 -23.36
CA THR B 277 -33.34 11.45 -23.98
C THR B 277 -33.36 11.58 -25.52
N ASN B 278 -32.62 12.55 -26.08
CA ASN B 278 -32.53 12.76 -27.53
C ASN B 278 -31.08 12.52 -28.00
N ASN B 279 -30.88 11.53 -28.90
CA ASN B 279 -29.59 11.14 -29.45
C ASN B 279 -28.94 12.23 -30.34
N GLN B 280 -29.72 13.25 -30.75
CA GLN B 280 -29.23 14.36 -31.58
C GLN B 280 -28.48 15.41 -30.74
N LEU B 281 -28.63 15.35 -29.41
CA LEU B 281 -28.03 16.31 -28.48
C LEU B 281 -26.65 15.90 -27.97
N LEU B 282 -26.12 14.73 -28.42
CA LEU B 282 -24.81 14.27 -27.97
C LEU B 282 -24.08 13.39 -29.01
N ARG B 283 -22.75 13.31 -28.86
CA ARG B 283 -21.85 12.48 -29.66
C ARG B 283 -20.58 12.23 -28.86
N VAL B 284 -19.95 11.11 -29.11
CA VAL B 284 -18.70 10.72 -28.47
C VAL B 284 -17.55 11.52 -29.12
N LYS B 285 -16.76 12.23 -28.32
CA LYS B 285 -15.68 13.04 -28.86
C LYS B 285 -14.30 12.51 -28.50
N TYR B 286 -14.15 11.88 -27.33
CA TYR B 286 -12.87 11.32 -26.91
C TYR B 286 -13.04 9.95 -26.32
N LEU B 287 -11.97 9.17 -26.36
CA LEU B 287 -11.88 7.84 -25.77
C LEU B 287 -10.67 7.81 -24.86
N LEU B 288 -10.91 7.48 -23.59
CA LEU B 288 -9.89 7.32 -22.54
C LEU B 288 -9.62 5.85 -22.43
N VAL B 289 -8.39 5.42 -22.69
CA VAL B 289 -8.07 4.00 -22.72
C VAL B 289 -7.05 3.66 -21.64
N TYR B 290 -7.38 2.62 -20.87
CA TYR B 290 -6.58 2.11 -19.75
C TYR B 290 -6.16 0.69 -20.08
N SER B 291 -4.86 0.44 -20.03
CA SER B 291 -4.30 -0.86 -20.32
C SER B 291 -3.90 -1.57 -19.03
N GLN B 292 -4.37 -2.81 -18.82
CA GLN B 292 -4.02 -3.58 -17.61
C GLN B 292 -2.62 -4.21 -17.78
N LYS B 293 -1.74 -4.02 -16.80
CA LYS B 293 -0.39 -4.59 -16.82
C LYS B 293 -0.39 -5.97 -16.14
N SER C 22 3.49 -16.19 25.96
CA SER C 22 4.04 -15.67 24.71
C SER C 22 2.91 -15.49 23.65
N MET C 23 3.23 -14.96 22.46
CA MET C 23 2.29 -14.79 21.35
C MET C 23 1.68 -16.12 20.90
N GLY C 24 0.47 -16.08 20.35
CA GLY C 24 -0.12 -17.26 19.70
C GLY C 24 0.54 -17.41 18.32
N TRP C 25 0.25 -18.53 17.61
CA TRP C 25 0.84 -18.81 16.30
C TRP C 25 0.49 -17.79 15.22
N ALA C 26 -0.79 -17.39 15.13
CA ALA C 26 -1.23 -16.47 14.10
C ALA C 26 -0.58 -15.08 14.28
N ALA C 27 -0.45 -14.63 15.55
CA ALA C 27 0.24 -13.38 15.88
C ALA C 27 1.73 -13.49 15.55
N ALA C 28 2.36 -14.67 15.79
CA ALA C 28 3.79 -14.88 15.46
C ALA C 28 4.01 -14.89 13.95
N ARG C 29 3.09 -15.46 13.16
CA ARG C 29 3.18 -15.47 11.70
C ARG C 29 3.13 -14.01 11.15
N GLU C 30 2.26 -13.16 11.73
CA GLU C 30 2.18 -11.77 11.31
C GLU C 30 3.47 -11.01 11.73
N ALA C 31 3.96 -11.20 12.98
CA ALA C 31 5.18 -10.56 13.49
C ALA C 31 6.42 -10.97 12.63
N ALA C 32 6.54 -12.27 12.27
CA ALA C 32 7.66 -12.75 11.45
C ALA C 32 7.58 -12.19 10.02
N GLY C 33 6.39 -12.24 9.40
CA GLY C 33 6.14 -11.73 8.06
C GLY C 33 6.47 -10.26 7.88
N ARG C 34 6.31 -9.45 8.96
CA ARG C 34 6.59 -8.01 8.94
C ARG C 34 8.07 -7.74 8.74
N ASP C 35 8.95 -8.58 9.35
CA ASP C 35 10.40 -8.39 9.24
C ASP C 35 11.07 -9.75 9.40
N MET C 36 11.13 -10.48 8.27
CA MET C 36 11.67 -11.83 8.18
C MET C 36 13.14 -11.92 8.61
N LEU C 37 13.97 -10.96 8.23
CA LEU C 37 15.39 -10.96 8.61
C LEU C 37 15.58 -10.73 10.11
N ALA C 38 14.77 -9.87 10.76
CA ALA C 38 14.89 -9.66 12.21
C ALA C 38 14.39 -10.92 12.96
N ALA C 39 13.31 -11.57 12.45
CA ALA C 39 12.80 -12.83 13.04
C ALA C 39 13.87 -13.92 12.90
N ASP C 40 14.53 -13.97 11.74
CA ASP C 40 15.58 -14.93 11.47
C ASP C 40 16.79 -14.68 12.41
N LEU C 41 17.18 -13.41 12.61
CA LEU C 41 18.30 -13.10 13.53
C LEU C 41 18.01 -13.67 14.94
N ARG C 42 16.79 -13.49 15.42
CA ARG C 42 16.38 -13.98 16.72
C ARG C 42 16.45 -15.52 16.81
N CYS C 43 15.98 -16.21 15.78
CA CYS C 43 16.07 -17.67 15.70
C CYS C 43 17.53 -18.11 15.66
N SER C 44 18.40 -17.34 14.96
CA SER C 44 19.82 -17.64 14.82
C SER C 44 20.56 -17.49 16.15
N LEU C 45 20.26 -16.40 16.90
CA LEU C 45 20.91 -16.14 18.19
C LEU C 45 20.42 -17.14 19.23
N PHE C 46 19.13 -17.53 19.14
CA PHE C 46 18.55 -18.58 20.00
C PHE C 46 19.29 -19.90 19.72
N ALA C 47 19.46 -20.25 18.42
CA ALA C 47 20.15 -21.49 18.02
C ALA C 47 21.62 -21.46 18.47
N SER C 48 22.30 -20.28 18.36
CA SER C 48 23.70 -20.19 18.80
C SER C 48 23.83 -20.48 20.30
N ALA C 49 22.98 -19.83 21.12
CA ALA C 49 22.97 -20.00 22.58
C ALA C 49 22.60 -21.44 22.98
N LEU C 50 21.59 -22.04 22.33
CA LEU C 50 21.14 -23.42 22.61
C LEU C 50 22.20 -24.49 22.24
N GLN C 51 22.88 -24.31 21.08
CA GLN C 51 23.86 -25.29 20.59
C GLN C 51 25.14 -25.27 21.40
N SER C 52 25.49 -24.12 21.98
CA SER C 52 26.70 -23.95 22.77
C SER C 52 26.70 -24.90 23.96
N TYR C 53 27.89 -25.45 24.29
CA TYR C 53 28.08 -26.30 25.47
C TYR C 53 27.72 -25.47 26.74
N LYS C 54 27.73 -24.12 26.62
CA LYS C 54 27.39 -23.18 27.69
C LYS C 54 25.88 -22.90 27.79
N ARG C 55 25.01 -23.64 27.03
CA ARG C 55 23.55 -23.42 26.96
C ARG C 55 22.89 -23.18 28.33
N ASP C 56 23.34 -23.91 29.38
CA ASP C 56 22.75 -23.73 30.70
C ASP C 56 22.86 -22.27 31.20
N SER C 57 24.00 -21.61 30.94
CA SER C 57 24.17 -20.23 31.37
C SER C 57 23.81 -19.20 30.30
N VAL C 58 24.03 -19.48 29.00
CA VAL C 58 23.78 -18.48 27.95
C VAL C 58 22.35 -18.51 27.38
N LEU C 59 21.64 -19.66 27.46
CA LEU C 59 20.26 -19.66 26.94
C LEU C 59 19.32 -19.16 28.03
N ARG C 60 19.41 -17.85 28.29
CA ARG C 60 18.61 -17.12 29.26
C ARG C 60 18.16 -15.84 28.61
N PRO C 61 16.83 -15.61 28.43
CA PRO C 61 15.69 -16.42 28.92
C PRO C 61 15.58 -17.78 28.24
N PHE C 62 15.04 -18.74 29.01
CA PHE C 62 14.81 -20.12 28.63
C PHE C 62 13.31 -20.33 28.45
N PRO C 63 12.83 -21.07 27.42
CA PRO C 63 11.36 -21.25 27.28
C PRO C 63 10.79 -22.14 28.39
N ALA C 64 9.90 -21.57 29.24
CA ALA C 64 9.28 -22.24 30.39
C ALA C 64 8.56 -23.57 30.05
N SER C 65 8.03 -23.71 28.81
CA SER C 65 7.38 -24.94 28.37
C SER C 65 8.38 -26.14 28.28
N TYR C 66 9.69 -25.87 28.27
CA TYR C 66 10.74 -26.92 28.22
C TYR C 66 11.38 -27.12 29.60
N ALA C 67 10.78 -26.54 30.65
CA ALA C 67 11.28 -26.73 32.00
C ALA C 67 10.24 -27.47 32.86
N ARG C 68 10.72 -28.38 33.72
CA ARG C 68 9.91 -29.14 34.67
C ARG C 68 10.42 -28.73 36.03
N GLY C 69 9.84 -27.65 36.55
CA GLY C 69 10.28 -27.03 37.80
C GLY C 69 11.64 -26.39 37.58
N ASP C 70 12.65 -26.87 38.34
CA ASP C 70 14.05 -26.39 38.21
C ASP C 70 14.80 -27.06 37.05
N CYS C 71 14.27 -28.19 36.54
CA CYS C 71 14.90 -29.00 35.53
C CYS C 71 14.61 -28.54 34.10
N LYS C 72 15.64 -28.06 33.43
CA LYS C 72 15.54 -27.63 32.05
C LYS C 72 15.72 -28.85 31.12
N ASP C 73 14.76 -29.09 30.23
CA ASP C 73 14.82 -30.25 29.34
C ASP C 73 15.49 -29.84 28.02
N PHE C 74 16.84 -29.74 28.04
CA PHE C 74 17.62 -29.33 26.88
C PHE C 74 17.56 -30.38 25.77
N GLU C 75 17.42 -31.67 26.09
CA GLU C 75 17.32 -32.74 25.07
C GLU C 75 16.07 -32.53 24.18
N ALA C 76 14.89 -32.32 24.80
CA ALA C 76 13.65 -32.04 24.08
C ALA C 76 13.75 -30.71 23.30
N LEU C 77 14.40 -29.69 23.91
CA LEU C 77 14.55 -28.38 23.27
C LEU C 77 15.47 -28.47 22.04
N LEU C 78 16.61 -29.18 22.16
CA LEU C 78 17.56 -29.40 21.07
C LEU C 78 16.90 -30.21 19.96
N ALA C 79 16.08 -31.24 20.30
CA ALA C 79 15.38 -32.04 19.30
C ALA C 79 14.39 -31.18 18.50
N ASP C 80 13.52 -30.42 19.18
CA ASP C 80 12.54 -29.55 18.54
C ASP C 80 13.17 -28.39 17.74
N ALA C 81 14.35 -27.88 18.15
CA ALA C 81 15.02 -26.80 17.42
C ALA C 81 15.64 -27.33 16.12
N SER C 82 16.11 -28.59 16.11
CA SER C 82 16.68 -29.21 14.92
C SER C 82 15.56 -29.51 13.88
N LYS C 83 14.29 -29.47 14.33
CA LYS C 83 13.12 -29.70 13.48
C LYS C 83 12.57 -28.39 12.88
N LEU C 84 13.12 -27.22 13.27
CA LEU C 84 12.64 -25.96 12.70
C LEU C 84 13.04 -25.87 11.22
N PRO C 85 12.09 -25.66 10.29
CA PRO C 85 12.50 -25.46 8.89
C PRO C 85 12.93 -24.00 8.70
N ASN C 86 13.41 -23.61 7.52
CA ASN C 86 13.72 -22.19 7.31
C ASN C 86 12.39 -21.38 7.46
N LEU C 87 12.48 -20.09 7.82
CA LEU C 87 11.29 -19.29 8.08
C LEU C 87 10.36 -19.14 6.88
N LYS C 88 10.90 -19.04 5.66
CA LYS C 88 10.07 -18.96 4.44
C LYS C 88 9.20 -20.20 4.31
N GLU C 89 9.79 -21.39 4.54
CA GLU C 89 9.10 -22.67 4.48
C GLU C 89 8.04 -22.76 5.59
N LEU C 90 8.39 -22.37 6.84
CA LEU C 90 7.48 -22.41 8.00
C LEU C 90 6.19 -21.58 7.72
N LEU C 91 6.34 -20.42 7.05
CA LEU C 91 5.23 -19.52 6.69
C LEU C 91 4.48 -20.00 5.43
N GLN C 92 5.19 -20.39 4.35
CA GLN C 92 4.56 -20.89 3.11
C GLN C 92 3.68 -22.12 3.40
N SER C 93 4.06 -22.91 4.41
CA SER C 93 3.32 -24.10 4.87
C SER C 93 2.36 -23.71 6.00
N SER C 94 1.38 -24.58 6.30
CA SER C 94 0.37 -24.35 7.35
C SER C 94 0.97 -24.47 8.77
N GLY C 95 0.12 -24.24 9.78
CA GLY C 95 0.48 -24.27 11.19
C GLY C 95 0.63 -25.65 11.81
N ASP C 96 -0.33 -26.56 11.53
CA ASP C 96 -0.33 -27.92 12.09
C ASP C 96 0.75 -28.83 11.44
N ASN C 97 1.42 -28.33 10.38
CA ASN C 97 2.52 -29.03 9.69
C ASN C 97 3.79 -29.00 10.56
N HIS C 98 3.94 -27.95 11.38
CA HIS C 98 5.08 -27.72 12.26
C HIS C 98 4.59 -27.16 13.62
N LYS C 99 3.85 -28.00 14.39
CA LYS C 99 3.25 -27.69 15.69
C LYS C 99 4.27 -27.13 16.70
N ARG C 100 5.28 -27.95 17.07
CA ARG C 100 6.33 -27.61 18.03
C ARG C 100 7.21 -26.47 17.52
N ALA C 101 7.43 -26.41 16.18
CA ALA C 101 8.21 -25.36 15.53
C ALA C 101 7.52 -23.99 15.74
N TRP C 102 6.19 -23.93 15.53
CA TRP C 102 5.39 -22.71 15.73
C TRP C 102 5.41 -22.27 17.18
N ASP C 103 5.28 -23.20 18.16
CA ASP C 103 5.33 -22.89 19.60
C ASP C 103 6.67 -22.26 19.99
N LEU C 104 7.77 -22.79 19.44
CA LEU C 104 9.12 -22.31 19.71
C LEU C 104 9.37 -20.95 19.07
N VAL C 105 9.05 -20.80 17.77
CA VAL C 105 9.24 -19.53 17.04
C VAL C 105 8.37 -18.44 17.71
N SER C 106 7.11 -18.76 18.12
CA SER C 106 6.26 -17.76 18.78
C SER C 106 6.91 -17.27 20.09
N TRP C 107 7.51 -18.18 20.88
CA TRP C 107 8.22 -17.79 22.10
C TRP C 107 9.47 -16.93 21.76
N ILE C 108 10.28 -17.35 20.77
CA ILE C 108 11.50 -16.63 20.34
C ILE C 108 11.18 -15.16 19.98
N LEU C 109 10.05 -14.92 19.29
CA LEU C 109 9.65 -13.59 18.83
C LEU C 109 8.83 -12.79 19.85
N SER C 110 8.57 -13.37 21.01
CA SER C 110 7.79 -12.66 22.00
C SER C 110 8.68 -11.94 22.98
N SER C 111 8.34 -10.70 23.25
CA SER C 111 8.96 -9.85 24.26
C SER C 111 8.06 -8.66 24.50
N LYS C 112 7.84 -8.31 25.78
CA LYS C 112 7.04 -7.13 26.17
C LYS C 112 7.98 -5.94 26.42
N VAL C 113 9.30 -6.19 26.43
CA VAL C 113 10.34 -5.19 26.73
C VAL C 113 10.90 -4.54 25.46
N LEU C 114 11.13 -5.34 24.40
CA LEU C 114 11.76 -4.81 23.21
C LEU C 114 11.35 -5.54 21.94
N THR C 115 11.78 -5.01 20.80
CA THR C 115 11.60 -5.64 19.50
C THR C 115 12.83 -5.28 18.64
N ILE C 116 13.06 -6.06 17.57
CA ILE C 116 14.21 -5.87 16.70
C ILE C 116 13.72 -5.59 15.28
N HIS C 117 14.32 -4.56 14.64
CA HIS C 117 14.00 -4.17 13.27
C HIS C 117 15.21 -4.25 12.39
N SER C 118 15.03 -4.66 11.13
CA SER C 118 16.07 -4.62 10.10
C SER C 118 16.33 -3.15 9.80
N ALA C 119 17.60 -2.77 9.68
CA ALA C 119 17.95 -1.38 9.36
C ALA C 119 18.80 -1.34 8.08
N GLY C 120 18.90 -0.16 7.48
CA GLY C 120 19.64 0.01 6.23
C GLY C 120 20.89 0.87 6.30
N LYS C 121 21.40 1.24 5.11
CA LYS C 121 22.62 2.04 4.90
C LYS C 121 22.52 3.43 5.54
N ALA C 122 21.31 4.04 5.59
CA ALA C 122 21.10 5.35 6.21
C ALA C 122 21.42 5.29 7.70
N GLU C 123 21.06 4.18 8.38
CA GLU C 123 21.33 4.00 9.81
C GLU C 123 22.79 3.63 10.04
N PHE C 124 23.43 2.88 9.11
CA PHE C 124 24.85 2.52 9.25
C PHE C 124 25.75 3.76 9.04
N GLU C 125 25.35 4.66 8.13
CA GLU C 125 26.06 5.92 7.86
C GLU C 125 25.98 6.80 9.11
N LYS C 126 24.82 6.81 9.78
CA LYS C 126 24.57 7.53 11.03
C LYS C 126 25.52 6.99 12.13
N ILE C 127 25.66 5.65 12.25
CA ILE C 127 26.51 4.98 13.25
C ILE C 127 27.99 5.39 13.00
N GLN C 128 28.44 5.35 11.73
CA GLN C 128 29.79 5.76 11.32
C GLN C 128 30.09 7.20 11.70
N LYS C 129 29.09 8.10 11.54
CA LYS C 129 29.21 9.52 11.90
C LYS C 129 29.28 9.72 13.42
N LEU C 130 28.48 8.97 14.19
CA LEU C 130 28.39 9.05 15.66
C LEU C 130 29.55 8.37 16.39
N THR C 131 30.37 7.58 15.66
CA THR C 131 31.51 6.86 16.25
C THR C 131 32.85 7.30 15.55
N GLY C 132 34.01 6.86 16.09
CA GLY C 132 35.33 7.26 15.59
C GLY C 132 35.90 6.49 14.41
N ALA C 133 36.90 7.10 13.70
CA ALA C 133 37.56 6.48 12.54
C ALA C 133 38.35 5.22 12.99
N PRO C 134 38.06 4.05 12.41
CA PRO C 134 38.76 2.82 12.84
C PRO C 134 40.25 2.89 12.56
N HIS C 135 41.02 2.44 13.57
CA HIS C 135 42.48 2.45 13.57
C HIS C 135 43.03 1.48 12.49
N THR C 136 42.31 0.38 12.28
CA THR C 136 42.64 -0.73 11.40
C THR C 136 41.45 -0.95 10.43
N PRO C 137 41.68 -1.53 9.20
CA PRO C 137 40.55 -1.72 8.27
C PRO C 137 39.45 -2.60 8.82
N VAL C 138 38.21 -2.19 8.54
CA VAL C 138 37.00 -2.88 9.01
C VAL C 138 36.04 -3.19 7.87
N PRO C 139 35.36 -4.36 7.93
CA PRO C 139 34.34 -4.63 6.90
C PRO C 139 33.05 -3.89 7.22
N ALA C 140 32.26 -3.63 6.18
CA ALA C 140 30.89 -3.12 6.30
C ALA C 140 30.00 -4.30 6.75
N PRO C 141 29.04 -4.16 7.66
CA PRO C 141 28.25 -5.34 8.08
C PRO C 141 27.35 -5.84 6.96
N ASP C 142 27.04 -7.13 6.98
CA ASP C 142 26.14 -7.73 5.98
C ASP C 142 24.70 -7.38 6.31
N PHE C 143 24.40 -7.27 7.61
CA PHE C 143 23.07 -6.92 8.14
C PHE C 143 23.22 -6.01 9.33
N LEU C 144 22.28 -5.09 9.47
CA LEU C 144 22.23 -4.15 10.58
C LEU C 144 20.82 -4.20 11.17
N PHE C 145 20.75 -4.25 12.50
CA PHE C 145 19.47 -4.31 13.18
C PHE C 145 19.40 -3.28 14.28
N GLU C 146 18.22 -2.73 14.51
CA GLU C 146 17.98 -1.77 15.58
C GLU C 146 17.10 -2.40 16.66
N ILE C 147 17.41 -2.12 17.92
CA ILE C 147 16.60 -2.60 19.02
C ILE C 147 15.72 -1.44 19.47
N GLU C 148 14.39 -1.65 19.46
CA GLU C 148 13.43 -0.64 19.95
C GLU C 148 12.95 -1.12 21.31
N TYR C 149 12.95 -0.23 22.32
CA TYR C 149 12.49 -0.56 23.67
C TYR C 149 11.10 0.00 23.93
N PHE C 150 10.30 -0.72 24.71
CA PHE C 150 8.97 -0.31 25.13
C PHE C 150 9.01 0.16 26.58
N ASP C 151 7.93 0.83 27.04
CA ASP C 151 7.81 1.25 28.43
C ASP C 151 7.56 0.02 29.32
N PRO C 152 8.04 -0.02 30.58
CA PRO C 152 8.70 1.08 31.33
C PRO C 152 10.18 1.27 31.00
N ALA C 153 10.86 0.28 30.37
CA ALA C 153 12.30 0.35 30.05
C ALA C 153 12.68 1.59 29.22
N ASN C 154 11.90 1.89 28.14
CA ASN C 154 12.22 3.05 27.29
C ASN C 154 12.15 4.38 28.07
N ALA C 155 11.03 4.62 28.79
CA ALA C 155 10.85 5.83 29.59
C ALA C 155 11.87 5.89 30.75
N LYS C 156 12.23 4.73 31.35
CA LYS C 156 13.24 4.67 32.42
C LYS C 156 14.60 5.18 31.91
N PHE C 157 15.04 4.70 30.71
CA PHE C 157 16.31 5.10 30.10
C PHE C 157 16.36 6.62 29.86
N TYR C 158 15.28 7.22 29.31
CA TYR C 158 15.22 8.65 29.03
C TYR C 158 15.13 9.51 30.31
N GLU C 159 14.54 8.95 31.37
CA GLU C 159 14.47 9.63 32.67
C GLU C 159 15.90 9.72 33.26
N THR C 160 16.69 8.62 33.11
CA THR C 160 18.08 8.57 33.57
C THR C 160 18.92 9.55 32.77
N LYS C 161 18.68 9.62 31.44
CA LYS C 161 19.41 10.48 30.52
C LYS C 161 19.20 11.97 30.87
N GLY C 162 17.94 12.39 31.01
CA GLY C 162 17.62 13.79 31.25
C GLY C 162 18.04 14.61 30.05
N GLU C 163 18.81 15.68 30.28
CA GLU C 163 19.33 16.55 29.23
C GLU C 163 20.76 16.13 28.79
N ARG C 164 21.33 15.08 29.43
CA ARG C 164 22.68 14.59 29.12
C ARG C 164 22.78 14.07 27.68
N ASP C 165 23.97 14.16 27.07
CA ASP C 165 24.20 13.70 25.71
C ASP C 165 24.29 12.18 25.65
N LEU C 166 24.08 11.62 24.46
CA LEU C 166 24.25 10.20 24.22
C LEU C 166 25.51 9.98 23.41
N ILE C 167 26.30 8.99 23.84
CA ILE C 167 27.56 8.53 23.24
C ILE C 167 27.27 7.15 22.61
N TYR C 168 27.86 6.88 21.45
CA TYR C 168 27.71 5.59 20.78
C TYR C 168 29.04 4.89 20.83
N ALA C 169 29.02 3.65 21.33
CA ALA C 169 30.23 2.84 21.48
C ALA C 169 29.93 1.39 21.18
N PHE C 170 30.98 0.62 20.89
CA PHE C 170 30.88 -0.77 20.49
C PHE C 170 31.28 -1.75 21.58
N HIS C 171 30.66 -2.94 21.53
CA HIS C 171 30.96 -4.05 22.42
C HIS C 171 30.90 -5.34 21.61
N GLY C 172 32.04 -5.97 21.49
CA GLY C 172 32.16 -7.25 20.80
C GLY C 172 31.97 -8.39 21.77
N SER C 173 31.47 -9.52 21.28
CA SER C 173 31.26 -10.73 22.09
C SER C 173 31.10 -11.96 21.20
N ARG C 174 31.19 -13.15 21.80
CA ARG C 174 30.94 -14.41 21.10
C ARG C 174 29.45 -14.46 20.75
N LEU C 175 29.13 -15.04 19.59
CA LEU C 175 27.77 -15.11 19.05
C LEU C 175 26.74 -15.71 20.04
N GLU C 176 27.14 -16.77 20.80
CA GLU C 176 26.25 -17.49 21.72
C GLU C 176 25.83 -16.65 22.93
N ASN C 177 26.43 -15.45 23.11
CA ASN C 177 26.10 -14.55 24.21
C ASN C 177 25.01 -13.52 23.84
N PHE C 178 24.72 -13.33 22.53
CA PHE C 178 23.84 -12.24 22.09
C PHE C 178 22.35 -12.44 22.41
N HIS C 179 21.81 -13.67 22.45
CA HIS C 179 20.43 -13.90 22.88
C HIS C 179 20.25 -13.32 24.29
N SER C 180 21.21 -13.61 25.20
CA SER C 180 21.21 -13.13 26.58
C SER C 180 21.53 -11.61 26.65
N ILE C 181 22.51 -11.12 25.87
CA ILE C 181 22.87 -9.69 25.83
C ILE C 181 21.63 -8.84 25.47
N ILE C 182 20.86 -9.26 24.46
CA ILE C 182 19.66 -8.56 24.02
C ILE C 182 18.57 -8.55 25.10
N HIS C 183 18.20 -9.71 25.63
CA HIS C 183 17.09 -9.80 26.55
C HIS C 183 17.44 -9.44 28.01
N ASN C 184 18.70 -9.56 28.43
CA ASN C 184 19.06 -9.25 29.82
C ASN C 184 19.93 -7.97 29.93
N GLY C 185 20.46 -7.51 28.79
CA GLY C 185 21.37 -6.37 28.79
C GLY C 185 22.80 -6.82 29.06
N LEU C 186 23.78 -5.95 28.82
CA LEU C 186 25.18 -6.25 29.12
C LEU C 186 25.42 -6.30 30.64
N HIS C 187 26.18 -7.33 31.11
CA HIS C 187 26.51 -7.52 32.53
C HIS C 187 27.42 -6.40 33.03
N CYS C 188 27.02 -5.71 34.11
CA CYS C 188 27.84 -4.64 34.70
C CYS C 188 28.33 -5.06 36.08
N GLU C 198 35.60 -4.42 36.51
CA GLU C 198 35.32 -2.99 36.67
C GLU C 198 33.89 -2.62 36.20
N GLY C 199 33.33 -3.41 35.29
CA GLY C 199 31.99 -3.22 34.71
C GLY C 199 31.94 -3.65 33.25
N THR C 200 31.17 -2.91 32.42
CA THR C 200 31.06 -3.22 30.98
C THR C 200 32.11 -2.43 30.21
N TYR C 201 32.95 -3.16 29.43
CA TYR C 201 34.00 -2.57 28.61
C TYR C 201 33.48 -2.29 27.21
N LEU C 202 33.59 -1.03 26.80
CA LEU C 202 33.15 -0.54 25.48
C LEU C 202 34.28 0.19 24.79
N THR C 203 34.19 0.35 23.46
CA THR C 203 35.20 1.09 22.72
C THR C 203 34.54 1.93 21.63
N SER C 204 35.15 3.09 21.33
CA SER C 204 34.73 3.98 20.25
C SER C 204 35.19 3.45 18.88
N ASP C 205 36.14 2.52 18.87
CA ASP C 205 36.72 1.96 17.64
C ASP C 205 36.14 0.57 17.34
N LEU C 206 35.42 0.44 16.20
CA LEU C 206 34.82 -0.83 15.75
C LEU C 206 35.89 -1.92 15.55
N SER C 207 37.09 -1.54 15.06
CA SER C 207 38.19 -2.48 14.84
C SER C 207 38.65 -3.17 16.12
N LEU C 208 38.60 -2.47 17.26
CA LEU C 208 38.95 -3.04 18.56
C LEU C 208 37.83 -3.97 19.05
N ALA C 209 36.57 -3.59 18.83
CA ALA C 209 35.42 -4.41 19.23
C ALA C 209 35.32 -5.70 18.41
N LEU C 210 35.62 -5.63 17.10
CA LEU C 210 35.56 -6.79 16.19
C LEU C 210 36.47 -7.94 16.61
N ILE C 211 37.64 -7.64 17.22
CA ILE C 211 38.54 -8.73 17.63
C ILE C 211 37.88 -9.56 18.78
N TYR C 212 36.87 -8.99 19.47
CA TYR C 212 36.13 -9.68 20.53
C TYR C 212 34.86 -10.35 20.00
N SER C 213 34.63 -10.28 18.68
CA SER C 213 33.46 -10.89 18.04
C SER C 213 33.87 -11.98 17.03
N PRO C 214 34.41 -13.13 17.46
CA PRO C 214 34.75 -14.16 16.47
C PRO C 214 33.51 -14.74 15.81
N HIS C 215 33.67 -15.30 14.61
CA HIS C 215 32.59 -15.97 13.91
C HIS C 215 32.13 -17.18 14.75
N GLY C 216 30.84 -17.37 14.88
CA GLY C 216 30.27 -18.48 15.62
C GLY C 216 29.23 -19.21 14.79
N HIS C 217 28.78 -20.38 15.27
CA HIS C 217 27.74 -21.14 14.60
C HIS C 217 26.37 -20.60 14.97
N GLY C 218 25.62 -20.17 13.96
CA GLY C 218 24.26 -19.68 14.11
C GLY C 218 23.28 -20.79 13.81
N TRP C 219 22.33 -20.55 12.91
CA TRP C 219 21.32 -21.53 12.56
C TRP C 219 21.54 -21.99 11.13
N GLN C 220 21.54 -23.30 10.93
CA GLN C 220 21.73 -23.97 9.65
C GLN C 220 20.74 -23.47 8.56
N HIS C 221 19.49 -23.16 8.93
CA HIS C 221 18.44 -22.75 8.01
C HIS C 221 18.24 -21.24 7.96
N SER C 222 19.21 -20.48 8.42
CA SER C 222 19.11 -19.03 8.48
C SER C 222 19.27 -18.36 7.12
N LEU C 223 18.46 -17.31 6.88
CA LEU C 223 18.54 -16.43 5.71
C LEU C 223 19.83 -15.60 5.77
N LEU C 224 20.42 -15.46 6.98
CA LEU C 224 21.64 -14.67 7.19
C LEU C 224 22.89 -15.48 6.90
N GLY C 225 22.78 -16.79 6.86
CA GLY C 225 23.91 -17.69 6.69
C GLY C 225 24.15 -18.45 7.99
N PRO C 226 24.81 -19.62 7.94
CA PRO C 226 24.99 -20.41 9.17
C PRO C 226 26.11 -19.95 10.11
N ILE C 227 27.03 -19.09 9.65
CA ILE C 227 28.16 -18.65 10.46
C ILE C 227 28.16 -17.13 10.55
N LEU C 228 28.03 -16.62 11.78
CA LEU C 228 27.91 -15.18 12.00
C LEU C 228 28.82 -14.65 13.09
N SER C 229 29.17 -13.37 12.95
CA SER C 229 29.83 -12.56 13.96
C SER C 229 28.89 -11.39 14.24
N CYS C 230 28.78 -11.02 15.51
CA CYS C 230 27.88 -9.95 15.90
C CYS C 230 28.59 -8.96 16.82
N VAL C 231 28.36 -7.66 16.60
CA VAL C 231 28.91 -6.56 17.43
C VAL C 231 27.74 -5.68 17.91
N ALA C 232 27.69 -5.39 19.23
CA ALA C 232 26.67 -4.49 19.77
C ALA C 232 27.11 -3.03 19.66
N VAL C 233 26.17 -2.16 19.28
CA VAL C 233 26.35 -0.72 19.27
C VAL C 233 25.51 -0.25 20.43
N CYS C 234 26.14 0.32 21.44
CA CYS C 234 25.43 0.79 22.62
C CYS C 234 25.23 2.28 22.59
N GLU C 235 24.12 2.67 23.16
CA GLU C 235 23.75 4.04 23.41
C GLU C 235 24.10 4.24 24.89
N VAL C 236 25.10 5.11 25.17
CA VAL C 236 25.65 5.36 26.50
C VAL C 236 25.36 6.80 26.93
N ILE C 237 24.73 6.97 28.11
CA ILE C 237 24.44 8.29 28.69
C ILE C 237 25.77 8.90 29.15
N ASP C 238 26.08 10.13 28.68
CA ASP C 238 27.29 10.86 29.06
C ASP C 238 27.15 11.28 30.53
N HIS C 239 27.78 10.51 31.43
CA HIS C 239 27.70 10.63 32.89
C HIS C 239 29.10 10.41 33.52
N PRO C 240 29.41 11.00 34.71
CA PRO C 240 30.74 10.76 35.34
C PRO C 240 31.11 9.27 35.61
N ASP C 241 30.10 8.39 35.83
CA ASP C 241 30.27 6.94 36.10
C ASP C 241 30.69 6.16 34.84
N LYS C 272 42.06 2.56 22.45
CA LYS C 272 41.58 2.82 23.81
C LYS C 272 40.13 2.35 24.00
N TYR C 273 39.79 1.96 25.25
CA TYR C 273 38.47 1.48 25.65
C TYR C 273 38.05 2.13 26.98
N PHE C 274 36.74 2.22 27.24
CA PHE C 274 36.22 2.78 28.49
C PHE C 274 35.23 1.81 29.19
N VAL C 275 34.98 2.04 30.49
CA VAL C 275 34.17 1.15 31.34
C VAL C 275 32.92 1.87 31.87
N VAL C 276 31.79 1.14 31.88
CA VAL C 276 30.50 1.59 32.39
C VAL C 276 30.19 0.73 33.63
N THR C 277 30.15 1.38 34.80
CA THR C 277 29.97 0.72 36.10
C THR C 277 28.48 0.60 36.51
N ASN C 278 27.60 1.40 35.87
CA ASN C 278 26.16 1.39 36.16
C ASN C 278 25.40 0.95 34.89
N ASN C 279 24.66 -0.18 34.98
CA ASN C 279 23.88 -0.77 33.88
C ASN C 279 22.70 0.12 33.42
N GLN C 280 22.32 1.13 34.22
CA GLN C 280 21.23 2.06 33.91
C GLN C 280 21.68 3.14 32.90
N LEU C 281 23.01 3.28 32.72
CA LEU C 281 23.61 4.30 31.85
C LEU C 281 23.83 3.85 30.40
N LEU C 282 23.41 2.63 30.05
CA LEU C 282 23.59 2.18 28.68
C LEU C 282 22.52 1.16 28.28
N ARG C 283 22.36 0.99 26.98
CA ARG C 283 21.49 -0.02 26.40
C ARG C 283 22.03 -0.35 25.03
N VAL C 284 21.84 -1.60 24.60
CA VAL C 284 22.23 -2.05 23.26
C VAL C 284 21.20 -1.46 22.30
N LYS C 285 21.65 -0.72 21.29
CA LYS C 285 20.74 -0.06 20.35
C LYS C 285 20.80 -0.65 18.95
N TYR C 286 21.97 -1.12 18.52
CA TYR C 286 22.13 -1.75 17.21
C TYR C 286 22.94 -3.01 17.32
N LEU C 287 22.75 -3.88 16.32
CA LEU C 287 23.51 -5.11 16.15
C LEU C 287 24.08 -5.11 14.75
N LEU C 288 25.42 -5.20 14.65
CA LEU C 288 26.17 -5.29 13.40
C LEU C 288 26.42 -6.75 13.17
N VAL C 289 25.90 -7.32 12.07
CA VAL C 289 26.03 -8.73 11.80
C VAL C 289 26.84 -8.97 10.53
N TYR C 290 27.86 -9.82 10.67
CA TYR C 290 28.80 -10.21 9.63
C TYR C 290 28.63 -11.69 9.36
N SER C 291 28.37 -12.03 8.09
CA SER C 291 28.16 -13.39 7.65
C SER C 291 29.40 -13.92 6.93
N GLN C 292 29.92 -15.08 7.37
CA GLN C 292 31.11 -15.68 6.73
C GLN C 292 30.70 -16.46 5.45
N LYS C 293 31.47 -16.31 4.36
CA LYS C 293 31.31 -16.93 3.02
C LYS C 293 30.38 -16.10 2.14
PA CNA D . -21.83 4.68 7.37
O1A CNA D . -21.93 3.34 8.12
O2A CNA D . -23.15 5.13 6.91
O5B CNA D . -21.09 5.75 8.33
C5B CNA D . -20.98 7.15 8.12
C4B CNA D . -19.49 7.57 8.13
O4B CNA D . -18.84 7.26 9.36
C3B CNA D . -18.65 6.79 7.03
O3B CNA D . -18.14 7.80 6.23
C2B CNA D . -17.57 6.14 7.88
O2B CNA D . -16.35 6.06 7.32
C1B CNA D . -17.48 7.03 9.09
N9A CNA D . -16.83 6.36 10.25
C8A CNA D . -16.76 5.06 10.56
N7A CNA D . -16.10 4.91 11.72
C5A CNA D . -15.67 6.10 12.13
C6A CNA D . -14.92 6.57 13.16
N6A CNA D . -14.39 5.82 14.14
N1A CNA D . -14.67 7.87 13.24
C2A CNA D . -15.14 8.91 12.32
N3A CNA D . -15.92 8.29 11.29
C4A CNA D . -16.15 7.00 11.21
O3 CNA D . -20.89 4.25 6.18
PN CNA D . -20.94 4.73 4.71
O1N CNA D . -21.45 6.17 4.59
O2N CNA D . -19.71 4.51 3.92
O5D CNA D . -22.03 3.62 4.18
C5D CNA D . -23.40 3.84 3.82
C4D CNA D . -23.67 3.48 2.33
C4' CNA D . -22.48 3.73 1.37
C3D CNA D . -24.03 2.00 2.22
O3D CNA D . -25.06 1.87 1.22
C2D CNA D . -22.64 1.46 1.83
O2D CNA D . -22.65 0.09 1.39
C1D CNA D . -22.18 2.39 0.77
N1N CNA D . -20.78 2.10 0.42
C2N CNA D . -19.67 2.51 1.20
C3N CNA D . -18.32 2.20 0.78
C7N CNA D . -17.14 2.62 1.49
O7N CNA D . -16.01 2.32 1.06
N7N CNA D . -17.34 3.34 2.60
C4N CNA D . -18.16 1.41 -0.44
C5N CNA D . -19.26 1.03 -1.22
C6N CNA D . -20.56 1.36 -0.79
S SO4 E . -14.38 22.40 6.53
O1 SO4 E . -14.67 21.33 7.44
O2 SO4 E . -15.35 22.38 5.42
O3 SO4 E . -13.02 22.22 5.99
O4 SO4 E . -14.49 23.66 7.26
C1 GOL F . 8.08 2.87 13.25
O1 GOL F . 7.62 2.50 11.95
C2 GOL F . 7.00 3.52 14.07
O2 GOL F . 5.80 2.77 13.93
C3 GOL F . 7.34 3.58 15.55
O3 GOL F . 8.45 4.42 15.83
PA CNA G . -28.40 1.18 -19.94
O1A CNA G . -28.43 2.69 -20.27
O2A CNA G . -29.76 0.76 -19.57
O5B CNA G . -27.76 0.43 -21.21
C5B CNA G . -26.79 -0.62 -21.17
C4B CNA G . -25.57 -0.35 -22.10
O4B CNA G . -25.86 0.11 -23.41
C3B CNA G . -24.62 0.71 -21.54
O3B CNA G . -23.60 -0.01 -20.97
C2B CNA G . -24.23 1.48 -22.80
O2B CNA G . -22.92 1.70 -22.97
C1B CNA G . -24.65 0.57 -23.89
N9A CNA G . -24.71 1.22 -25.21
C8A CNA G . -25.08 2.46 -25.51
N7A CNA G . -24.98 2.60 -26.81
C5A CNA G . -24.56 1.48 -27.38
C6A CNA G . -24.29 1.06 -28.67
N6A CNA G . -24.42 1.84 -29.72
N1A CNA G . -23.86 -0.18 -28.91
C2A CNA G . -23.63 -1.20 -27.89
N3A CNA G . -23.96 -0.62 -26.56
C4A CNA G . -24.38 0.62 -26.35
O3 CNA G . -27.44 1.08 -18.71
PN CNA G . -27.51 0.06 -17.54
O1N CNA G . -28.37 -1.18 -17.87
O2N CNA G . -26.20 -0.36 -17.03
O5D CNA G . -28.21 0.98 -16.42
C5D CNA G . -28.06 0.79 -15.02
C4D CNA G . -27.31 1.92 -14.30
C4' CNA G . -26.09 2.46 -15.05
C3D CNA G . -28.19 3.13 -14.09
O3D CNA G . -28.35 3.34 -12.68
C2D CNA G . -27.40 4.22 -14.79
O2D CNA G . -27.72 5.48 -14.28
C1D CNA G . -26.05 3.80 -14.42
N1N CNA G . -24.91 4.71 -14.69
C2N CNA G . -24.06 4.58 -15.83
C3N CNA G . -22.96 5.47 -16.02
C7N CNA G . -22.07 5.39 -17.12
O7N CNA G . -21.13 6.15 -17.26
N7N CNA G . -22.28 4.42 -17.99
C4N CNA G . -22.77 6.51 -15.05
C5N CNA G . -23.61 6.65 -13.94
C6N CNA G . -24.66 5.75 -13.76
S SO4 H . -3.93 -15.24 -47.00
O1 SO4 H . -3.29 -16.42 -46.39
O2 SO4 H . -4.94 -15.64 -48.00
O3 SO4 H . -4.62 -14.52 -45.96
O4 SO4 H . -2.87 -14.42 -47.67
O5' ADN I . 34.04 -10.45 30.17
C5' ADN I . 32.63 -10.60 30.28
C4' ADN I . 32.03 -11.29 29.07
O4' ADN I . 30.63 -11.54 29.29
C3' ADN I . 32.14 -10.52 27.74
O3' ADN I . 32.59 -11.35 26.67
C2' ADN I . 30.70 -10.01 27.52
O2' ADN I . 30.36 -9.91 26.14
C1' ADN I . 29.88 -11.12 28.16
N9 ADN I . 28.55 -10.72 28.60
C8 ADN I . 28.17 -9.51 29.11
N7 ADN I . 26.88 -9.42 29.36
C5 ADN I . 26.38 -10.65 28.98
C6 ADN I . 25.08 -11.19 29.00
N6 ADN I . 24.00 -10.54 29.44
N1 ADN I . 24.92 -12.46 28.55
C2 ADN I . 26.00 -13.14 28.13
N3 ADN I . 27.27 -12.73 28.07
C4 ADN I . 27.40 -11.47 28.51
#